data_7W8S
#
_entry.id   7W8S
#
_cell.length_a   1.00
_cell.length_b   1.00
_cell.length_c   1.00
_cell.angle_alpha   90.00
_cell.angle_beta   90.00
_cell.angle_gamma   90.00
#
_symmetry.space_group_name_H-M   'P 1'
#
loop_
_entity.id
_entity.type
_entity.pdbx_description
1 polymer 'Angiotensin-converting enzyme 2'
2 polymer 'Spike protein S1'
3 branched 2-acetamido-2-deoxy-beta-D-glucopyranose-(1-4)-2-acetamido-2-deoxy-beta-D-glucopyranose
4 non-polymer 'ZINC ION'
#
loop_
_entity_poly.entity_id
_entity_poly.type
_entity_poly.pdbx_seq_one_letter_code
_entity_poly.pdbx_strand_id
1 'polypeptide(L)'
;STTEDLAKTFLEKFNYEAEELSYQNSLASWNYNTNITDENIQKMNIAGAKWSAFYEEESQHAKTYPLEEIQDPIIKRQLR
ALQQSGSSVLSADKRERLNTILNAMSTIYSTGKACNPNNPQECLLLEPGLDDIMENSKDYNERLWAWEGWRSEVGKQLRP
LYEEYVALKNEMARANNYEDYGDYWRGDYEEEWADGYNYSRNQLIEDVEHTFTQIKPLYEHLHAYVRAKLMDAYPSRISP
TGCLPAHLLGDMWGRFWTNLYPLMVPFGQKPNIDVTDAMVNQSWDARRIFKEAEKFFVSVGLPNMTEGFWQNSMLTEPGD
NRKVVCHPTAWDLGKHDFRIKMCTKVTMDDFLTAHHEMGHIQYDMAYAAQPFLLRNGANEGFHEAVGEIMSLSAATPNHL
KNIGLLPPDFSEDSETDINFLLKQALTIVGTLPFTYMLEKWRWMVFKGEIPKEQWMQKWWEMKRDIVGVVEPLPHDETYC
DPAALFHVANDYSFIRYYTRTIYQFQFQEALCQIAKHEGPLYKCDISNSREAGQKLHEMLSLGRSKPWTFALERVVGAKT
MDVRPLLNYFEPLFTWLKEQNRNSFVGWNTDWSPYADHHHHHH
;
A
2 'polypeptide(L)'
;RVQPTESIVRFPNITNLCPFGEVFNATRFASVYAWNRKRISNCVADYSVLYNSASFSTFKCYGVSPTKLNDLCFTNVYAD
SFVIRGDEVRQIAPGQTGKIADYNYKLPDDFTGCVIAWNSNNLDSKVGGNYNYLFRLFRKSNLKPFERDISTEIYQAGST
PCNGVEGFNCYFPLQSYGFQPTNGVGYQPYRVVVLSFELLHAPATVCGPKKSTNLVKNKCVNFHHHHHH
;
B
#
# COMPACT_ATOMS: atom_id res chain seq x y z
N SER A 1 -3.22 -18.62 35.52
CA SER A 1 -2.97 -17.85 34.30
C SER A 1 -3.46 -18.59 33.06
N THR A 2 -4.38 -17.98 32.35
CA THR A 2 -4.95 -18.59 31.15
C THR A 2 -4.01 -18.43 29.96
N THR A 3 -4.36 -19.06 28.84
CA THR A 3 -3.54 -18.98 27.64
C THR A 3 -3.74 -17.69 26.86
N GLU A 4 -4.75 -16.88 27.23
CA GLU A 4 -4.94 -15.59 26.59
C GLU A 4 -3.97 -14.53 27.09
N ASP A 5 -3.57 -14.62 28.36
CA ASP A 5 -2.56 -13.72 28.90
C ASP A 5 -1.15 -14.08 28.46
N LEU A 6 -0.91 -15.32 28.07
CA LEU A 6 0.40 -15.70 27.54
C LEU A 6 0.57 -15.21 26.11
N ALA A 7 -0.49 -15.23 25.32
CA ALA A 7 -0.42 -14.74 23.95
C ALA A 7 -0.49 -13.22 23.87
N LYS A 8 -0.91 -12.56 24.95
CA LYS A 8 -0.96 -11.10 24.97
C LYS A 8 0.40 -10.50 25.35
N THR A 9 1.11 -11.15 26.26
CA THR A 9 2.46 -10.71 26.62
C THR A 9 3.45 -10.92 25.48
N PHE A 10 3.19 -11.91 24.63
CA PHE A 10 4.05 -12.19 23.50
C PHE A 10 3.99 -11.10 22.43
N LEU A 11 2.82 -10.46 22.27
CA LEU A 11 2.65 -9.45 21.23
C LEU A 11 3.16 -8.06 21.63
N GLU A 12 3.35 -7.81 22.92
CA GLU A 12 3.94 -6.55 23.37
C GLU A 12 5.47 -6.54 23.25
N LYS A 13 6.08 -7.71 23.07
CA LYS A 13 7.51 -7.82 22.79
C LYS A 13 7.79 -7.86 21.29
N PHE A 14 6.87 -8.44 20.52
CA PHE A 14 7.06 -8.58 19.08
C PHE A 14 6.93 -7.24 18.37
N ASN A 15 6.10 -6.33 18.88
CA ASN A 15 5.83 -5.08 18.18
C ASN A 15 7.02 -4.12 18.22
N TYR A 16 7.72 -4.08 19.35
CA TYR A 16 8.84 -3.15 19.49
C TYR A 16 10.07 -3.63 18.73
N GLU A 17 10.24 -4.93 18.54
CA GLU A 17 11.42 -5.46 17.87
C GLU A 17 11.25 -5.54 16.36
N ALA A 18 10.05 -5.84 15.88
CA ALA A 18 9.82 -5.92 14.44
C ALA A 18 9.77 -4.56 13.79
N GLU A 19 9.40 -3.51 14.53
CA GLU A 19 9.35 -2.17 13.97
C GLU A 19 10.74 -1.57 13.77
N GLU A 20 11.63 -1.78 14.75
CA GLU A 20 12.99 -1.25 14.64
C GLU A 20 13.84 -2.02 13.64
N LEU A 21 13.52 -3.28 13.39
CA LEU A 21 14.30 -4.12 12.47
C LEU A 21 13.84 -4.00 11.03
N SER A 22 12.55 -3.73 10.80
CA SER A 22 12.07 -3.52 9.44
C SER A 22 12.38 -2.12 8.92
N TYR A 23 12.69 -1.18 9.80
CA TYR A 23 13.07 0.17 9.36
C TYR A 23 14.48 0.22 8.80
N GLN A 24 15.40 -0.59 9.35
CA GLN A 24 16.75 -0.66 8.81
C GLN A 24 16.76 -1.33 7.44
N ASN A 25 15.82 -2.24 7.18
CA ASN A 25 15.73 -2.86 5.86
C ASN A 25 15.16 -1.89 4.83
N SER A 26 14.18 -1.08 5.22
CA SER A 26 13.58 -0.13 4.30
C SER A 26 14.52 1.03 4.00
N LEU A 27 15.33 1.44 4.98
CA LEU A 27 16.27 2.54 4.76
C LEU A 27 17.46 2.10 3.91
N ALA A 28 17.82 0.82 3.95
CA ALA A 28 18.91 0.32 3.13
C ALA A 28 18.52 0.07 1.68
N SER A 29 17.22 0.03 1.37
CA SER A 29 16.75 -0.10 0.01
C SER A 29 16.49 1.24 -0.66
N TRP A 30 16.27 2.30 0.13
CA TRP A 30 16.09 3.63 -0.45
C TRP A 30 17.42 4.17 -1.00
N ASN A 31 18.52 3.86 -0.33
CA ASN A 31 19.83 4.37 -0.75
C ASN A 31 20.34 3.68 -1.99
N TYR A 32 19.83 2.49 -2.32
CA TYR A 32 20.24 1.82 -3.55
C TYR A 32 19.45 2.34 -4.75
N ASN A 33 18.16 2.61 -4.58
CA ASN A 33 17.33 3.04 -5.70
C ASN A 33 17.66 4.45 -6.17
N THR A 34 18.19 5.29 -5.28
CA THR A 34 18.59 6.64 -5.63
C THR A 34 20.09 6.77 -5.87
N ASN A 35 20.87 5.70 -5.68
CA ASN A 35 22.31 5.74 -5.91
C ASN A 35 22.77 4.30 -6.18
N ILE A 36 22.96 3.97 -7.45
CA ILE A 36 23.28 2.61 -7.87
C ILE A 36 24.79 2.48 -7.99
N THR A 37 25.40 1.80 -7.00
CA THR A 37 26.81 1.47 -7.05
C THR A 37 27.02 0.01 -6.72
N ASP A 38 28.26 -0.41 -6.50
CA ASP A 38 28.56 -1.79 -6.12
C ASP A 38 28.52 -2.01 -4.61
N GLU A 39 28.89 -1.01 -3.82
CA GLU A 39 28.86 -1.15 -2.38
C GLU A 39 27.46 -1.10 -1.81
N ASN A 40 26.50 -0.51 -2.53
CA ASN A 40 25.13 -0.41 -2.03
C ASN A 40 24.39 -1.74 -2.10
N ILE A 41 24.72 -2.60 -3.07
CA ILE A 41 24.06 -3.89 -3.17
C ILE A 41 24.55 -4.84 -2.09
N GLN A 42 25.77 -4.66 -1.60
CA GLN A 42 26.29 -5.52 -0.53
C GLN A 42 25.61 -5.21 0.79
N LYS A 43 25.42 -3.93 1.11
CA LYS A 43 24.72 -3.57 2.34
C LYS A 43 23.22 -3.80 2.24
N MET A 44 22.68 -3.90 1.03
CA MET A 44 21.26 -4.16 0.86
C MET A 44 20.92 -5.61 1.19
N ASN A 45 21.76 -6.55 0.74
CA ASN A 45 21.47 -7.97 0.93
C ASN A 45 21.83 -8.47 2.32
N ILE A 46 22.61 -7.71 3.09
CA ILE A 46 22.92 -8.11 4.45
C ILE A 46 21.77 -7.76 5.40
N ALA A 47 21.28 -6.52 5.31
CA ALA A 47 20.17 -6.09 6.15
C ALA A 47 18.84 -6.71 5.72
N GLY A 48 18.73 -7.18 4.48
CA GLY A 48 17.53 -7.85 4.03
C GLY A 48 17.48 -9.33 4.34
N ALA A 49 18.55 -9.90 4.90
CA ALA A 49 18.56 -11.29 5.31
C ALA A 49 18.39 -11.47 6.81
N LYS A 50 18.59 -10.41 7.60
CA LYS A 50 18.32 -10.50 9.03
C LYS A 50 16.82 -10.47 9.30
N TRP A 51 16.04 -9.82 8.42
CA TRP A 51 14.60 -9.74 8.63
C TRP A 51 13.92 -11.07 8.31
N SER A 52 14.45 -11.81 7.32
CA SER A 52 13.88 -13.11 6.96
C SER A 52 14.22 -14.20 7.96
N ALA A 53 15.34 -14.09 8.67
CA ALA A 53 15.70 -15.08 9.67
C ALA A 53 15.08 -14.79 11.03
N PHE A 54 14.82 -13.52 11.33
CA PHE A 54 14.11 -13.17 12.56
C PHE A 54 12.65 -13.56 12.49
N TYR A 55 12.05 -13.46 11.31
CA TYR A 55 10.60 -13.64 11.17
C TYR A 55 10.21 -15.11 11.28
N GLU A 56 11.04 -16.01 10.73
CA GLU A 56 10.72 -17.43 10.77
C GLU A 56 10.97 -18.06 12.13
N GLU A 57 11.75 -17.41 13.00
CA GLU A 57 11.94 -17.93 14.36
C GLU A 57 10.72 -17.69 15.24
N GLU A 58 10.01 -16.58 15.03
CA GLU A 58 8.82 -16.26 15.80
C GLU A 58 7.55 -16.82 15.18
N SER A 59 7.61 -17.36 13.96
CA SER A 59 6.47 -18.06 13.40
C SER A 59 6.30 -19.44 14.01
N GLN A 60 7.35 -20.01 14.59
CA GLN A 60 7.25 -21.25 15.36
C GLN A 60 6.93 -20.99 16.82
N HIS A 61 7.21 -19.79 17.32
CA HIS A 61 6.82 -19.40 18.66
C HIS A 61 5.31 -19.19 18.75
N ALA A 62 4.70 -18.66 17.68
CA ALA A 62 3.28 -18.32 17.70
C ALA A 62 2.38 -19.54 17.69
N LYS A 63 2.88 -20.71 17.28
CA LYS A 63 2.08 -21.92 17.22
C LYS A 63 2.05 -22.69 18.53
N THR A 64 2.68 -22.18 19.58
CA THR A 64 2.58 -22.79 20.90
C THR A 64 1.23 -22.51 21.55
N TYR A 65 0.51 -21.49 21.09
CA TYR A 65 -0.79 -21.14 21.63
C TYR A 65 -1.89 -21.62 20.70
N PRO A 66 -2.77 -22.52 21.14
CA PRO A 66 -3.87 -22.96 20.27
C PRO A 66 -4.87 -21.84 19.98
N LEU A 67 -5.39 -21.86 18.76
CA LEU A 67 -6.27 -20.79 18.30
C LEU A 67 -7.70 -20.93 18.81
N GLU A 68 -8.06 -22.07 19.38
CA GLU A 68 -9.43 -22.31 19.84
C GLU A 68 -9.65 -21.94 21.30
N GLU A 69 -8.64 -21.39 21.98
CA GLU A 69 -8.74 -21.03 23.39
C GLU A 69 -8.68 -19.52 23.62
N ILE A 70 -8.84 -18.72 22.57
CA ILE A 70 -8.80 -17.26 22.65
C ILE A 70 -10.19 -16.73 22.33
N GLN A 71 -10.69 -15.81 23.16
CA GLN A 71 -12.02 -15.24 22.96
C GLN A 71 -11.95 -13.74 22.75
N ASP A 72 -11.03 -13.28 21.91
CA ASP A 72 -10.91 -11.85 21.60
C ASP A 72 -10.68 -11.66 20.11
N PRO A 73 -11.50 -10.83 19.44
CA PRO A 73 -11.33 -10.67 17.99
C PRO A 73 -10.08 -9.91 17.59
N ILE A 74 -9.57 -9.02 18.45
CA ILE A 74 -8.35 -8.28 18.12
C ILE A 74 -7.13 -9.20 18.17
N ILE A 75 -7.05 -10.06 19.19
CA ILE A 75 -5.90 -10.94 19.36
C ILE A 75 -5.88 -12.04 18.29
N LYS A 76 -7.06 -12.58 17.95
CA LYS A 76 -7.13 -13.71 17.03
C LYS A 76 -6.82 -13.30 15.59
N ARG A 77 -7.03 -12.02 15.24
CA ARG A 77 -6.66 -11.57 13.91
C ARG A 77 -5.16 -11.35 13.76
N GLN A 78 -4.44 -11.16 14.87
CA GLN A 78 -3.00 -11.01 14.83
C GLN A 78 -2.27 -12.34 14.94
N LEU A 79 -2.86 -13.33 15.59
CA LEU A 79 -2.22 -14.63 15.72
C LEU A 79 -2.29 -15.43 14.42
N ARG A 80 -3.38 -15.29 13.66
CA ARG A 80 -3.52 -16.05 12.43
C ARG A 80 -2.62 -15.51 11.32
N ALA A 81 -2.17 -14.26 11.41
CA ALA A 81 -1.20 -13.73 10.48
C ALA A 81 0.23 -14.15 10.81
N LEU A 82 0.45 -14.68 12.02
CA LEU A 82 1.78 -15.10 12.45
C LEU A 82 1.90 -16.61 12.60
N GLN A 83 0.78 -17.34 12.59
CA GLN A 83 0.81 -18.81 12.68
C GLN A 83 0.81 -19.47 11.31
N GLN A 84 0.74 -18.71 10.22
CA GLN A 84 0.73 -19.30 8.89
C GLN A 84 2.15 -19.67 8.47
N SER A 85 2.30 -20.87 7.91
CA SER A 85 3.59 -21.38 7.46
C SER A 85 3.46 -21.94 6.05
N GLY A 86 4.58 -21.94 5.32
CA GLY A 86 4.57 -22.36 3.93
C GLY A 86 5.32 -23.64 3.65
N SER A 87 6.55 -23.53 3.17
CA SER A 87 7.34 -24.67 2.72
C SER A 87 8.14 -25.32 3.85
N SER A 88 7.95 -24.88 5.09
CA SER A 88 8.67 -25.46 6.22
C SER A 88 8.20 -26.87 6.56
N VAL A 89 7.02 -27.28 6.10
CA VAL A 89 6.50 -28.60 6.40
C VAL A 89 7.15 -29.70 5.56
N LEU A 90 7.89 -29.34 4.52
CA LEU A 90 8.56 -30.33 3.68
C LEU A 90 9.89 -30.74 4.31
N SER A 91 10.54 -31.72 3.68
CA SER A 91 11.84 -32.18 4.11
C SER A 91 12.94 -31.26 3.56
N ALA A 92 14.19 -31.61 3.86
CA ALA A 92 15.31 -30.78 3.41
C ALA A 92 15.58 -30.97 1.93
N ASP A 93 15.46 -32.21 1.43
CA ASP A 93 15.70 -32.49 0.03
C ASP A 93 14.57 -31.99 -0.87
N LYS A 94 13.36 -31.84 -0.34
CA LYS A 94 12.24 -31.33 -1.12
C LYS A 94 12.19 -29.82 -1.14
N ARG A 95 12.59 -29.16 -0.04
CA ARG A 95 12.61 -27.70 -0.02
C ARG A 95 13.77 -27.14 -0.84
N GLU A 96 14.89 -27.88 -0.91
CA GLU A 96 16.02 -27.43 -1.70
C GLU A 96 15.74 -27.54 -3.20
N ARG A 97 15.00 -28.57 -3.60
CA ARG A 97 14.66 -28.74 -5.02
C ARG A 97 13.65 -27.69 -5.48
N LEU A 98 12.75 -27.26 -4.58
CA LEU A 98 11.73 -26.29 -4.93
C LEU A 98 12.32 -24.93 -5.30
N ASN A 99 13.34 -24.48 -4.55
CA ASN A 99 13.97 -23.20 -4.84
C ASN A 99 14.89 -23.26 -6.06
N THR A 100 15.32 -24.45 -6.47
CA THR A 100 16.09 -24.58 -7.70
C THR A 100 15.21 -24.44 -8.93
N ILE A 101 13.99 -24.97 -8.87
CA ILE A 101 13.05 -24.88 -9.98
C ILE A 101 12.54 -23.44 -10.15
N LEU A 102 12.29 -22.75 -9.02
CA LEU A 102 11.74 -21.40 -9.08
C LEU A 102 12.73 -20.41 -9.65
N ASN A 103 14.02 -20.55 -9.31
CA ASN A 103 15.02 -19.61 -9.80
C ASN A 103 15.36 -19.85 -11.27
N ALA A 104 15.23 -21.09 -11.73
CA ALA A 104 15.58 -21.40 -13.12
C ALA A 104 14.53 -20.88 -14.10
N MET A 105 13.27 -20.76 -13.65
CA MET A 105 12.23 -20.24 -14.53
C MET A 105 12.30 -18.72 -14.68
N SER A 106 12.86 -18.02 -13.69
CA SER A 106 12.93 -16.56 -13.74
C SER A 106 14.12 -16.05 -14.54
N THR A 107 15.12 -16.89 -14.81
CA THR A 107 16.26 -16.44 -15.61
C THR A 107 16.07 -16.71 -17.10
N ILE A 108 15.24 -17.69 -17.45
CA ILE A 108 14.93 -17.92 -18.87
C ILE A 108 14.07 -16.78 -19.40
N TYR A 109 13.15 -16.26 -18.57
CA TYR A 109 12.26 -15.19 -19.00
C TYR A 109 13.00 -13.87 -19.18
N SER A 110 13.91 -13.55 -18.26
CA SER A 110 14.59 -12.26 -18.28
C SER A 110 15.81 -12.22 -19.19
N THR A 111 16.30 -13.37 -19.65
CA THR A 111 17.45 -13.40 -20.55
C THR A 111 17.17 -14.10 -21.87
N GLY A 112 15.93 -14.52 -22.12
CA GLY A 112 15.61 -15.18 -23.36
C GLY A 112 15.38 -14.19 -24.49
N LYS A 113 15.72 -14.62 -25.71
CA LYS A 113 15.60 -13.77 -26.89
C LYS A 113 15.13 -14.60 -28.07
N ALA A 114 14.43 -13.94 -28.99
CA ALA A 114 13.92 -14.56 -30.20
C ALA A 114 14.57 -13.90 -31.41
N CYS A 115 15.06 -14.70 -32.35
CA CYS A 115 15.75 -14.19 -33.51
C CYS A 115 14.80 -14.04 -34.69
N ASN A 116 15.22 -13.25 -35.68
CA ASN A 116 14.42 -12.89 -36.85
C ASN A 116 14.63 -13.91 -37.96
N PRO A 117 13.55 -14.49 -38.48
CA PRO A 117 13.66 -15.28 -39.70
C PRO A 117 14.02 -14.41 -40.89
N ASN A 118 14.69 -15.04 -41.87
CA ASN A 118 15.21 -14.46 -43.11
C ASN A 118 16.27 -13.38 -42.88
N ASN A 119 16.81 -13.29 -41.65
CA ASN A 119 17.91 -12.41 -41.27
C ASN A 119 18.47 -12.92 -39.94
N PRO A 120 19.31 -13.96 -39.97
CA PRO A 120 19.68 -14.64 -38.72
C PRO A 120 20.72 -13.94 -37.86
N GLN A 121 21.14 -12.72 -38.21
CA GLN A 121 22.05 -11.95 -37.39
C GLN A 121 21.35 -10.99 -36.45
N GLU A 122 20.01 -11.03 -36.41
CA GLU A 122 19.22 -10.11 -35.59
C GLU A 122 18.43 -10.93 -34.58
N CYS A 123 18.86 -10.90 -33.32
CA CYS A 123 18.16 -11.53 -32.22
C CYS A 123 17.81 -10.46 -31.19
N LEU A 124 16.54 -10.41 -30.78
CA LEU A 124 16.01 -9.31 -29.99
C LEU A 124 15.47 -9.82 -28.66
N LEU A 125 15.70 -9.04 -27.61
CA LEU A 125 15.11 -9.30 -26.30
C LEU A 125 13.66 -8.84 -26.28
N LEU A 126 12.98 -9.07 -25.15
CA LEU A 126 11.56 -8.76 -25.06
C LEU A 126 11.33 -7.27 -24.88
N GLU A 127 11.83 -6.69 -23.77
CA GLU A 127 11.50 -5.31 -23.44
C GLU A 127 12.07 -4.26 -24.40
N PRO A 128 13.40 -4.26 -24.77
CA PRO A 128 13.82 -3.19 -25.68
C PRO A 128 13.46 -3.43 -27.15
N GLY A 129 13.32 -4.68 -27.56
CA GLY A 129 13.19 -4.96 -28.98
C GLY A 129 11.89 -5.56 -29.46
N LEU A 130 11.24 -6.37 -28.63
CA LEU A 130 10.04 -7.08 -29.04
C LEU A 130 8.74 -6.38 -28.65
N ASP A 131 8.80 -5.42 -27.73
CA ASP A 131 7.61 -4.64 -27.39
C ASP A 131 7.33 -3.52 -28.39
N ASP A 132 8.34 -3.06 -29.10
CA ASP A 132 8.15 -1.98 -30.07
C ASP A 132 7.48 -2.47 -31.35
N ILE A 133 7.68 -3.73 -31.71
CA ILE A 133 7.04 -4.28 -32.91
C ILE A 133 5.54 -4.47 -32.67
N MET A 134 5.17 -4.99 -31.50
CA MET A 134 3.78 -5.35 -31.23
C MET A 134 2.90 -4.15 -30.91
N GLU A 135 3.47 -2.98 -30.64
CA GLU A 135 2.70 -1.81 -30.23
C GLU A 135 2.72 -0.68 -31.24
N ASN A 136 3.51 -0.77 -32.31
CA ASN A 136 3.65 0.34 -33.24
C ASN A 136 3.57 -0.05 -34.72
N SER A 137 3.65 -1.33 -35.04
CA SER A 137 3.67 -1.75 -36.44
C SER A 137 2.26 -1.92 -36.99
N LYS A 138 2.15 -1.81 -38.31
CA LYS A 138 0.89 -2.03 -39.03
C LYS A 138 1.01 -3.11 -40.09
N ASP A 139 2.09 -3.89 -40.08
CA ASP A 139 2.30 -4.94 -41.06
C ASP A 139 1.77 -6.27 -40.53
N TYR A 140 1.13 -7.04 -41.41
CA TYR A 140 0.56 -8.31 -41.00
C TYR A 140 1.64 -9.36 -40.77
N ASN A 141 2.63 -9.42 -41.66
CA ASN A 141 3.66 -10.46 -41.57
C ASN A 141 4.79 -10.12 -40.62
N GLU A 142 4.92 -8.85 -40.23
CA GLU A 142 5.94 -8.49 -39.24
C GLU A 142 5.50 -8.86 -37.82
N ARG A 143 4.20 -8.77 -37.54
CA ARG A 143 3.67 -9.13 -36.23
C ARG A 143 3.49 -10.63 -36.05
N LEU A 144 3.68 -11.42 -37.10
CA LEU A 144 3.45 -12.86 -37.02
C LEU A 144 4.70 -13.63 -36.58
N TRP A 145 5.87 -13.24 -37.06
CA TRP A 145 7.08 -13.94 -36.61
C TRP A 145 7.54 -13.48 -35.23
N ALA A 146 7.10 -12.31 -34.77
CA ALA A 146 7.40 -11.87 -33.41
C ALA A 146 6.45 -12.47 -32.38
N TRP A 147 5.33 -13.04 -32.81
CA TRP A 147 4.37 -13.69 -31.92
C TRP A 147 4.63 -15.18 -31.80
N GLU A 148 4.97 -15.83 -32.91
CA GLU A 148 5.27 -17.26 -32.91
C GLU A 148 6.65 -17.55 -32.32
N GLY A 149 7.62 -16.69 -32.59
CA GLY A 149 8.99 -16.93 -32.15
C GLY A 149 9.21 -16.77 -30.66
N TRP A 150 8.34 -16.02 -29.98
CA TRP A 150 8.45 -15.89 -28.53
C TRP A 150 7.94 -17.13 -27.81
N ARG A 151 7.01 -17.86 -28.43
CA ARG A 151 6.37 -19.01 -27.79
C ARG A 151 7.00 -20.34 -28.18
N SER A 152 7.79 -20.40 -29.26
CA SER A 152 8.44 -21.62 -29.68
C SER A 152 9.88 -21.75 -29.20
N GLU A 153 10.46 -20.66 -28.66
CA GLU A 153 11.81 -20.68 -28.12
C GLU A 153 11.86 -20.60 -26.61
N VAL A 154 10.97 -19.82 -25.99
CA VAL A 154 10.97 -19.61 -24.55
C VAL A 154 9.95 -20.47 -23.84
N GLY A 155 8.73 -20.60 -24.41
CA GLY A 155 7.68 -21.35 -23.76
C GLY A 155 7.84 -22.85 -23.80
N LYS A 156 8.66 -23.36 -24.71
CA LYS A 156 8.89 -24.79 -24.82
C LYS A 156 10.08 -25.25 -23.98
N GLN A 157 10.74 -24.34 -23.26
CA GLN A 157 11.77 -24.70 -22.30
C GLN A 157 11.27 -24.75 -20.88
N LEU A 158 10.13 -24.12 -20.58
CA LEU A 158 9.52 -24.15 -19.26
C LEU A 158 8.49 -25.26 -19.13
N ARG A 159 8.19 -25.99 -20.21
CA ARG A 159 7.22 -27.08 -20.13
C ARG A 159 7.65 -28.26 -19.25
N PRO A 160 8.88 -28.80 -19.34
CA PRO A 160 9.23 -29.87 -18.38
C PRO A 160 9.49 -29.37 -16.97
N LEU A 161 9.72 -28.06 -16.79
CA LEU A 161 9.95 -27.51 -15.46
C LEU A 161 8.66 -27.14 -14.74
N TYR A 162 7.58 -26.86 -15.47
CA TYR A 162 6.32 -26.46 -14.85
C TYR A 162 5.52 -27.65 -14.32
N GLU A 163 5.72 -28.85 -14.89
CA GLU A 163 4.99 -30.02 -14.42
C GLU A 163 5.48 -30.48 -13.06
N GLU A 164 6.79 -30.38 -12.82
CA GLU A 164 7.35 -30.73 -11.50
C GLU A 164 7.05 -29.67 -10.46
N TYR A 165 6.80 -28.43 -10.89
CA TYR A 165 6.40 -27.37 -9.98
C TYR A 165 4.98 -27.56 -9.47
N VAL A 166 4.11 -28.17 -10.28
CA VAL A 166 2.73 -28.43 -9.85
C VAL A 166 2.69 -29.52 -8.79
N ALA A 167 3.49 -30.58 -8.97
CA ALA A 167 3.48 -31.70 -8.03
C ALA A 167 4.08 -31.32 -6.67
N LEU A 168 5.11 -30.46 -6.66
CA LEU A 168 5.69 -30.03 -5.39
C LEU A 168 4.80 -29.02 -4.67
N LYS A 169 4.05 -28.20 -5.41
CA LYS A 169 3.13 -27.26 -4.78
C LYS A 169 1.87 -27.96 -4.27
N ASN A 170 1.48 -29.07 -4.89
CA ASN A 170 0.35 -29.84 -4.41
C ASN A 170 0.69 -30.73 -3.23
N GLU A 171 1.97 -30.95 -2.95
CA GLU A 171 2.36 -31.69 -1.75
C GLU A 171 2.44 -30.80 -0.53
N MET A 172 2.81 -29.53 -0.72
CA MET A 172 2.82 -28.56 0.39
C MET A 172 1.40 -28.24 0.84
N ALA A 173 0.44 -28.18 -0.10
CA ALA A 173 -0.91 -27.79 0.24
C ALA A 173 -1.65 -28.89 1.01
N ARG A 174 -1.37 -30.16 0.67
CA ARG A 174 -2.06 -31.27 1.33
C ARG A 174 -1.55 -31.51 2.74
N ALA A 175 -0.37 -31.00 3.09
CA ALA A 175 0.16 -31.13 4.44
C ALA A 175 -0.28 -29.98 5.35
N ASN A 176 -1.02 -29.01 4.82
CA ASN A 176 -1.56 -27.91 5.61
C ASN A 176 -3.07 -27.98 5.74
N ASN A 177 -3.64 -29.18 5.56
CA ASN A 177 -5.08 -29.47 5.65
C ASN A 177 -5.89 -28.65 4.63
N TYR A 178 -5.34 -28.48 3.43
CA TYR A 178 -6.07 -27.99 2.29
C TYR A 178 -6.31 -29.14 1.31
N GLU A 179 -7.15 -28.88 0.31
CA GLU A 179 -7.45 -29.92 -0.68
C GLU A 179 -6.61 -29.82 -1.95
N ASP A 180 -6.27 -28.61 -2.39
CA ASP A 180 -5.33 -28.41 -3.49
C ASP A 180 -4.73 -27.00 -3.36
N TYR A 181 -3.85 -26.67 -4.28
CA TYR A 181 -3.17 -25.38 -4.26
C TYR A 181 -4.06 -24.23 -4.75
N GLY A 182 -5.11 -24.53 -5.51
CA GLY A 182 -6.06 -23.49 -5.89
C GLY A 182 -6.87 -23.00 -4.70
N ASP A 183 -7.25 -23.91 -3.79
CA ASP A 183 -7.92 -23.55 -2.56
C ASP A 183 -7.02 -22.74 -1.62
N TYR A 184 -5.70 -22.89 -1.74
CA TYR A 184 -4.76 -22.11 -0.95
C TYR A 184 -4.81 -20.63 -1.31
N TRP A 185 -4.94 -20.32 -2.59
CA TRP A 185 -4.92 -18.93 -3.05
C TRP A 185 -6.21 -18.18 -2.74
N ARG A 186 -7.34 -18.89 -2.64
CA ARG A 186 -8.63 -18.25 -2.43
C ARG A 186 -8.89 -17.91 -0.97
N GLY A 187 -7.97 -18.22 -0.07
CA GLY A 187 -8.11 -17.93 1.34
C GLY A 187 -7.84 -16.50 1.74
N ASP A 188 -7.46 -15.64 0.80
CA ASP A 188 -7.28 -14.23 1.08
C ASP A 188 -8.61 -13.50 1.29
N TYR A 189 -9.70 -14.03 0.75
CA TYR A 189 -11.02 -13.44 0.89
C TYR A 189 -11.86 -14.09 1.97
N GLU A 190 -11.33 -15.09 2.67
CA GLU A 190 -12.08 -15.81 3.68
C GLU A 190 -12.21 -14.97 4.94
N GLU A 191 -13.42 -14.89 5.48
CA GLU A 191 -13.67 -14.24 6.76
C GLU A 191 -14.36 -15.23 7.69
N GLU A 192 -14.04 -15.12 8.98
CA GLU A 192 -14.48 -16.08 9.97
C GLU A 192 -14.72 -15.36 11.29
N TRP A 193 -15.40 -16.07 12.20
CA TRP A 193 -15.72 -15.61 13.56
C TRP A 193 -16.54 -14.32 13.56
N ALA A 194 -17.45 -14.19 12.60
CA ALA A 194 -18.33 -13.04 12.50
C ALA A 194 -19.78 -13.50 12.41
N ASP A 195 -20.69 -12.64 12.85
CA ASP A 195 -22.12 -12.97 12.93
C ASP A 195 -22.85 -12.17 11.85
N GLY A 196 -23.09 -12.82 10.70
CA GLY A 196 -23.76 -12.20 9.58
C GLY A 196 -22.84 -11.59 8.55
N TYR A 197 -21.55 -11.48 8.84
CA TYR A 197 -20.56 -10.94 7.92
C TYR A 197 -19.55 -11.98 7.47
N ASN A 198 -19.93 -13.26 7.54
CA ASN A 198 -19.03 -14.35 7.15
C ASN A 198 -18.94 -14.45 5.64
N TYR A 199 -17.80 -14.96 5.18
CA TYR A 199 -17.55 -15.18 3.77
C TYR A 199 -16.74 -16.47 3.64
N SER A 200 -17.04 -17.26 2.63
CA SER A 200 -16.46 -18.58 2.45
C SER A 200 -15.63 -18.63 1.18
N ARG A 201 -14.75 -19.64 1.11
CA ARG A 201 -13.91 -19.80 -0.08
C ARG A 201 -14.71 -20.32 -1.26
N ASN A 202 -15.79 -21.05 -1.00
CA ASN A 202 -16.68 -21.50 -2.07
C ASN A 202 -17.59 -20.40 -2.58
N GLN A 203 -17.83 -19.36 -1.78
CA GLN A 203 -18.71 -18.26 -2.20
C GLN A 203 -18.05 -17.37 -3.25
N LEU A 204 -16.72 -17.36 -3.34
CA LEU A 204 -16.03 -16.51 -4.29
C LEU A 204 -16.26 -16.96 -5.74
N ILE A 205 -16.42 -18.28 -5.96
CA ILE A 205 -16.70 -18.78 -7.31
C ILE A 205 -18.09 -18.37 -7.76
N GLU A 206 -19.06 -18.35 -6.84
CA GLU A 206 -20.43 -17.99 -7.19
C GLU A 206 -20.58 -16.49 -7.47
N ASP A 207 -19.78 -15.65 -6.81
CA ASP A 207 -19.91 -14.21 -7.00
C ASP A 207 -19.31 -13.76 -8.33
N VAL A 208 -18.21 -14.38 -8.75
CA VAL A 208 -17.56 -14.02 -10.00
C VAL A 208 -18.41 -14.45 -11.19
N GLU A 209 -19.03 -15.63 -11.11
CA GLU A 209 -19.84 -16.13 -12.21
C GLU A 209 -21.16 -15.37 -12.36
N HIS A 210 -21.70 -14.83 -11.27
CA HIS A 210 -22.95 -14.10 -11.35
C HIS A 210 -22.79 -12.72 -11.99
N THR A 211 -21.72 -12.00 -11.64
CA THR A 211 -21.52 -10.66 -12.18
C THR A 211 -21.03 -10.66 -13.62
N PHE A 212 -20.45 -11.76 -14.08
CA PHE A 212 -19.91 -11.80 -15.45
C PHE A 212 -21.02 -11.92 -16.48
N THR A 213 -22.16 -12.53 -16.12
CA THR A 213 -23.26 -12.70 -17.06
C THR A 213 -24.06 -11.43 -17.30
N GLN A 214 -23.82 -10.37 -16.53
CA GLN A 214 -24.54 -9.12 -16.67
C GLN A 214 -23.79 -8.07 -17.49
N ILE A 215 -22.51 -8.31 -17.82
CA ILE A 215 -21.75 -7.40 -18.67
C ILE A 215 -21.65 -7.89 -20.11
N LYS A 216 -22.18 -9.08 -20.40
CA LYS A 216 -22.15 -9.68 -21.73
C LYS A 216 -22.88 -8.91 -22.83
N PRO A 217 -24.06 -8.29 -22.62
CA PRO A 217 -24.61 -7.43 -23.69
C PRO A 217 -23.76 -6.20 -24.00
N LEU A 218 -23.04 -5.65 -23.03
CA LEU A 218 -22.21 -4.47 -23.30
C LEU A 218 -20.95 -4.86 -24.07
N TYR A 219 -20.37 -6.02 -23.77
CA TYR A 219 -19.15 -6.46 -24.44
C TYR A 219 -19.41 -6.88 -25.87
N GLU A 220 -20.64 -7.31 -26.19
CA GLU A 220 -20.96 -7.72 -27.55
C GLU A 220 -21.08 -6.54 -28.50
N HIS A 221 -21.58 -5.39 -28.02
CA HIS A 221 -21.68 -4.21 -28.87
C HIS A 221 -20.33 -3.53 -29.07
N LEU A 222 -19.41 -3.67 -28.12
CA LEU A 222 -18.06 -3.17 -28.31
C LEU A 222 -17.25 -4.09 -29.22
N HIS A 223 -17.49 -5.39 -29.15
CA HIS A 223 -16.83 -6.37 -30.01
C HIS A 223 -17.21 -6.18 -31.48
N ALA A 224 -18.46 -5.80 -31.75
CA ALA A 224 -18.93 -5.62 -33.12
C ALA A 224 -18.42 -4.32 -33.74
N TYR A 225 -18.22 -3.28 -32.93
CA TYR A 225 -17.75 -2.00 -33.46
C TYR A 225 -16.28 -2.07 -33.85
N VAL A 226 -15.47 -2.81 -33.08
CA VAL A 226 -14.05 -2.96 -33.39
C VAL A 226 -13.85 -3.81 -34.64
N ARG A 227 -14.66 -4.87 -34.80
CA ARG A 227 -14.49 -5.80 -35.91
C ARG A 227 -14.82 -5.16 -37.26
N ALA A 228 -15.81 -4.26 -37.29
CA ALA A 228 -16.14 -3.57 -38.52
C ALA A 228 -15.15 -2.48 -38.90
N LYS A 229 -14.38 -1.97 -37.94
CA LYS A 229 -13.36 -0.96 -38.24
C LYS A 229 -12.00 -1.58 -38.49
N LEU A 230 -11.77 -2.83 -38.07
CA LEU A 230 -10.55 -3.54 -38.39
C LEU A 230 -10.57 -4.19 -39.76
N MET A 231 -11.72 -4.27 -40.41
CA MET A 231 -11.78 -4.81 -41.76
C MET A 231 -11.39 -3.78 -42.82
N ASP A 232 -11.20 -2.52 -42.43
CA ASP A 232 -10.64 -1.52 -43.32
C ASP A 232 -9.13 -1.41 -43.21
N ALA A 233 -8.58 -1.63 -42.01
CA ALA A 233 -7.14 -1.63 -41.83
C ALA A 233 -6.48 -2.91 -42.35
N TYR A 234 -7.16 -4.05 -42.23
CA TYR A 234 -6.68 -5.33 -42.75
C TYR A 234 -7.79 -5.92 -43.62
N PRO A 235 -7.90 -5.49 -44.87
CA PRO A 235 -8.96 -6.01 -45.73
C PRO A 235 -8.70 -7.45 -46.17
N SER A 236 -9.82 -8.17 -46.37
CA SER A 236 -9.84 -9.56 -46.85
C SER A 236 -9.06 -10.50 -45.93
N ARG A 237 -9.14 -10.26 -44.63
CA ARG A 237 -8.44 -11.09 -43.65
C ARG A 237 -9.28 -11.47 -42.43
N ILE A 238 -10.42 -10.82 -42.20
CA ILE A 238 -11.27 -11.09 -41.04
C ILE A 238 -12.66 -11.44 -41.56
N SER A 239 -13.22 -12.54 -41.05
CA SER A 239 -14.57 -12.94 -41.45
C SER A 239 -15.61 -12.01 -40.83
N PRO A 240 -16.70 -11.71 -41.56
CA PRO A 240 -17.72 -10.82 -41.00
C PRO A 240 -18.52 -11.41 -39.86
N THR A 241 -18.55 -12.74 -39.71
CA THR A 241 -19.21 -13.42 -38.59
C THR A 241 -18.22 -14.41 -38.01
N GLY A 242 -17.39 -13.96 -37.08
CA GLY A 242 -16.37 -14.82 -36.53
C GLY A 242 -15.61 -14.18 -35.39
N CYS A 243 -14.46 -14.76 -35.07
CA CYS A 243 -13.62 -14.31 -33.98
C CYS A 243 -12.54 -13.36 -34.51
N LEU A 244 -11.68 -12.89 -33.59
CA LEU A 244 -10.60 -11.97 -33.90
C LEU A 244 -9.25 -12.65 -33.77
N PRO A 245 -8.33 -12.44 -34.71
CA PRO A 245 -6.99 -13.03 -34.59
C PRO A 245 -6.20 -12.44 -33.43
N ALA A 246 -5.36 -13.30 -32.84
CA ALA A 246 -4.70 -12.98 -31.57
C ALA A 246 -3.50 -12.06 -31.71
N HIS A 247 -2.95 -11.90 -32.92
CA HIS A 247 -1.74 -11.11 -33.11
C HIS A 247 -2.01 -9.72 -33.68
N LEU A 248 -3.27 -9.27 -33.65
CA LEU A 248 -3.64 -7.98 -34.20
C LEU A 248 -4.34 -7.08 -33.18
N LEU A 249 -4.12 -7.33 -31.89
CA LEU A 249 -4.83 -6.61 -30.83
C LEU A 249 -4.01 -5.49 -30.21
N GLY A 250 -2.90 -5.09 -30.84
CA GLY A 250 -2.11 -3.99 -30.33
C GLY A 250 -1.21 -4.34 -29.17
N ASP A 251 -1.01 -5.62 -28.87
CA ASP A 251 -0.25 -6.06 -27.72
C ASP A 251 0.36 -7.43 -28.01
N MET A 252 1.29 -7.84 -27.15
CA MET A 252 1.87 -9.17 -27.29
C MET A 252 0.89 -10.25 -26.87
N TRP A 253 0.14 -10.02 -25.79
CA TRP A 253 -0.81 -11.00 -25.28
C TRP A 253 -2.27 -10.63 -25.53
N GLY A 254 -2.58 -9.35 -25.69
CA GLY A 254 -3.95 -8.90 -25.80
C GLY A 254 -4.60 -8.47 -24.51
N ARG A 255 -3.80 -8.04 -23.52
CA ARG A 255 -4.35 -7.67 -22.22
C ARG A 255 -5.14 -6.36 -22.29
N PHE A 256 -4.69 -5.41 -23.11
CA PHE A 256 -5.35 -4.13 -23.26
C PHE A 256 -5.59 -3.84 -24.73
N TRP A 257 -6.65 -3.07 -25.01
CA TRP A 257 -7.01 -2.66 -26.36
C TRP A 257 -6.79 -1.16 -26.59
N THR A 258 -5.86 -0.56 -25.84
CA THR A 258 -5.70 0.89 -25.82
C THR A 258 -5.06 1.44 -27.10
N ASN A 259 -4.13 0.70 -27.71
CA ASN A 259 -3.36 1.21 -28.83
C ASN A 259 -4.08 1.09 -30.17
N LEU A 260 -5.38 0.81 -30.19
CA LEU A 260 -6.16 0.72 -31.41
C LEU A 260 -7.02 1.96 -31.65
N TYR A 261 -6.89 2.98 -30.81
CA TYR A 261 -7.73 4.18 -30.93
C TYR A 261 -7.58 4.98 -32.23
N PRO A 262 -6.38 5.26 -32.78
CA PRO A 262 -6.33 6.07 -34.03
C PRO A 262 -6.98 5.42 -35.26
N LEU A 263 -7.24 4.12 -35.23
CA LEU A 263 -7.95 3.46 -36.33
C LEU A 263 -9.47 3.55 -36.19
N MET A 264 -9.99 4.13 -35.10
CA MET A 264 -11.43 4.22 -34.90
C MET A 264 -11.72 5.47 -34.06
N VAL A 265 -12.15 6.53 -34.72
CA VAL A 265 -12.50 7.77 -34.02
C VAL A 265 -13.84 8.25 -34.54
N PRO A 266 -14.82 8.54 -33.65
CA PRO A 266 -16.18 8.88 -34.10
C PRO A 266 -16.29 10.21 -34.83
N PHE A 267 -15.76 11.27 -34.24
CA PHE A 267 -15.77 12.60 -34.84
C PHE A 267 -14.32 13.03 -35.08
N GLY A 268 -13.90 12.99 -36.34
CA GLY A 268 -12.53 13.27 -36.71
C GLY A 268 -12.17 14.73 -36.91
N GLN A 269 -13.12 15.65 -36.68
CA GLN A 269 -12.86 17.07 -36.78
C GLN A 269 -12.74 17.77 -35.45
N LYS A 270 -13.43 17.28 -34.42
CA LYS A 270 -13.36 17.90 -33.09
C LYS A 270 -12.12 17.39 -32.36
N PRO A 271 -11.22 18.28 -31.92
CA PRO A 271 -10.02 17.83 -31.20
C PRO A 271 -10.34 17.44 -29.77
N ASN A 272 -9.30 17.00 -29.06
CA ASN A 272 -9.40 16.63 -27.66
C ASN A 272 -8.92 17.77 -26.77
N ILE A 273 -9.16 17.62 -25.47
CA ILE A 273 -8.77 18.63 -24.49
C ILE A 273 -7.36 18.31 -24.01
N ASP A 274 -6.45 19.26 -24.20
CA ASP A 274 -5.06 19.11 -23.80
C ASP A 274 -4.56 20.45 -23.27
N VAL A 275 -4.18 20.49 -22.00
CA VAL A 275 -3.75 21.72 -21.36
C VAL A 275 -2.22 21.79 -21.23
N THR A 276 -1.50 21.04 -22.06
CA THR A 276 -0.05 20.99 -21.96
C THR A 276 0.65 22.23 -22.48
N ASP A 277 -0.05 23.11 -23.19
CA ASP A 277 0.54 24.32 -23.73
C ASP A 277 0.29 25.56 -22.90
N ALA A 278 -0.82 25.59 -22.14
CA ALA A 278 -1.09 26.72 -21.26
C ALA A 278 -0.21 26.71 -20.02
N MET A 279 0.32 25.55 -19.64
CA MET A 279 1.23 25.48 -18.50
C MET A 279 2.61 26.03 -18.85
N VAL A 280 3.03 25.86 -20.11
CA VAL A 280 4.31 26.40 -20.55
C VAL A 280 4.26 27.93 -20.63
N ASN A 281 3.14 28.47 -21.13
CA ASN A 281 2.98 29.91 -21.27
C ASN A 281 2.84 30.64 -19.94
N GLN A 282 2.45 29.95 -18.87
CA GLN A 282 2.31 30.57 -17.56
C GLN A 282 3.47 30.24 -16.63
N SER A 283 4.53 29.61 -17.16
CA SER A 283 5.79 29.30 -16.46
C SER A 283 5.55 28.43 -15.22
N TRP A 284 5.08 27.21 -15.49
CA TRP A 284 4.88 26.20 -14.45
C TRP A 284 6.11 25.30 -14.37
N ASP A 285 6.51 24.99 -13.14
CA ASP A 285 7.62 24.08 -12.88
C ASP A 285 7.11 22.86 -12.11
N ALA A 286 8.06 22.01 -11.67
CA ALA A 286 7.70 20.77 -10.99
C ALA A 286 7.15 20.99 -9.59
N ARG A 287 7.54 22.08 -8.92
CA ARG A 287 6.96 22.39 -7.63
C ARG A 287 5.55 22.97 -7.74
N ARG A 288 5.22 23.59 -8.87
CA ARG A 288 3.87 24.11 -9.09
C ARG A 288 2.85 22.99 -9.27
N ILE A 289 3.30 21.84 -9.79
CA ILE A 289 2.40 20.71 -10.02
C ILE A 289 1.97 20.10 -8.69
N PHE A 290 2.93 19.89 -7.78
CA PHE A 290 2.62 19.25 -6.51
C PHE A 290 1.94 20.19 -5.52
N LYS A 291 1.98 21.50 -5.76
CA LYS A 291 1.23 22.44 -4.92
C LYS A 291 -0.23 22.54 -5.33
N GLU A 292 -0.52 22.30 -6.62
CA GLU A 292 -1.91 22.30 -7.07
C GLU A 292 -2.64 21.04 -6.63
N ALA A 293 -1.93 19.91 -6.52
CA ALA A 293 -2.53 18.68 -6.04
C ALA A 293 -2.86 18.75 -4.55
N GLU A 294 -2.10 19.53 -3.79
CA GLU A 294 -2.34 19.63 -2.36
C GLU A 294 -3.58 20.47 -2.05
N LYS A 295 -3.86 21.49 -2.88
CA LYS A 295 -5.05 22.32 -2.68
C LYS A 295 -6.33 21.59 -3.05
N PHE A 296 -6.25 20.49 -3.80
CA PHE A 296 -7.44 19.71 -4.14
C PHE A 296 -7.97 18.97 -2.91
N PHE A 297 -7.07 18.36 -2.13
CA PHE A 297 -7.48 17.59 -0.95
C PHE A 297 -7.92 18.48 0.21
N VAL A 298 -7.44 19.72 0.28
CA VAL A 298 -7.83 20.62 1.36
C VAL A 298 -9.28 21.05 1.21
N SER A 299 -9.73 21.30 -0.02
CA SER A 299 -11.11 21.73 -0.29
C SER A 299 -12.13 20.65 0.02
N VAL A 300 -11.73 19.38 0.04
CA VAL A 300 -12.65 18.29 0.36
C VAL A 300 -12.59 17.89 1.84
N GLY A 301 -11.61 18.38 2.60
CA GLY A 301 -11.53 18.14 4.02
C GLY A 301 -10.36 17.30 4.49
N LEU A 302 -9.35 17.03 3.63
CA LEU A 302 -8.22 16.18 3.98
C LEU A 302 -6.99 17.02 4.32
N PRO A 303 -6.11 16.54 5.23
CA PRO A 303 -5.00 17.38 5.71
C PRO A 303 -3.89 17.65 4.72
N ASN A 304 -2.86 18.37 5.18
CA ASN A 304 -1.69 18.75 4.39
C ASN A 304 -0.57 17.73 4.55
N MET A 305 0.48 17.91 3.77
CA MET A 305 1.69 17.11 3.87
C MET A 305 2.55 17.61 5.04
N THR A 306 3.45 16.73 5.49
CA THR A 306 4.31 17.05 6.62
C THR A 306 5.54 17.84 6.17
N GLU A 307 6.35 18.24 7.15
CA GLU A 307 7.55 19.03 6.84
C GLU A 307 8.62 18.17 6.18
N GLY A 308 8.78 16.92 6.61
CA GLY A 308 9.78 16.04 6.04
C GLY A 308 9.43 15.50 4.66
N PHE A 309 8.18 15.68 4.21
CA PHE A 309 7.83 15.32 2.85
C PHE A 309 8.55 16.20 1.84
N TRP A 310 8.66 17.50 2.12
CA TRP A 310 9.28 18.43 1.19
C TRP A 310 10.80 18.40 1.24
N GLN A 311 11.40 17.81 2.27
CA GLN A 311 12.84 17.78 2.43
C GLN A 311 13.49 16.49 1.97
N ASN A 312 12.78 15.36 2.03
CA ASN A 312 13.35 14.06 1.78
C ASN A 312 12.91 13.42 0.47
N SER A 313 11.88 13.96 -0.19
CA SER A 313 11.41 13.39 -1.43
C SER A 313 12.33 13.78 -2.59
N MET A 314 12.26 12.99 -3.66
CA MET A 314 13.01 13.26 -4.89
C MET A 314 11.99 13.55 -5.99
N LEU A 315 11.72 14.82 -6.20
CA LEU A 315 10.68 15.24 -7.16
C LEU A 315 11.21 15.50 -8.55
N THR A 316 12.53 15.51 -8.75
CA THR A 316 13.13 15.72 -10.05
C THR A 316 14.41 14.90 -10.16
N GLU A 317 14.86 14.72 -11.41
CA GLU A 317 16.10 14.00 -11.67
C GLU A 317 17.29 14.82 -11.16
N PRO A 318 18.27 14.18 -10.51
CA PRO A 318 19.37 14.95 -9.90
C PRO A 318 20.29 15.64 -10.90
N GLY A 319 20.52 15.05 -12.07
CA GLY A 319 21.42 15.67 -13.04
C GLY A 319 22.88 15.59 -12.66
N ASP A 320 23.26 14.61 -11.84
CA ASP A 320 24.62 14.42 -11.37
C ASP A 320 25.12 13.06 -11.85
N ASN A 321 26.24 12.62 -11.28
CA ASN A 321 26.83 11.32 -11.61
C ASN A 321 26.01 10.14 -11.12
N ARG A 322 25.03 10.36 -10.25
CA ARG A 322 24.22 9.26 -9.73
C ARG A 322 23.29 8.69 -10.80
N LYS A 323 23.03 7.39 -10.72
CA LYS A 323 22.10 6.70 -11.59
C LYS A 323 20.87 6.31 -10.78
N VAL A 324 19.70 6.77 -11.23
CA VAL A 324 18.45 6.59 -10.51
C VAL A 324 17.45 5.91 -11.44
N VAL A 325 16.77 4.88 -10.95
CA VAL A 325 15.66 4.29 -11.69
C VAL A 325 14.45 5.20 -11.59
N CYS A 326 13.89 5.58 -12.74
CA CYS A 326 12.72 6.46 -12.78
C CYS A 326 11.47 5.59 -12.85
N HIS A 327 10.81 5.42 -11.70
CA HIS A 327 9.56 4.70 -11.59
C HIS A 327 8.76 5.38 -10.48
N PRO A 328 7.52 5.79 -10.74
CA PRO A 328 6.73 6.48 -9.72
C PRO A 328 6.24 5.52 -8.66
N THR A 329 6.69 5.73 -7.42
CA THR A 329 6.29 4.91 -6.29
C THR A 329 6.05 5.80 -5.08
N ALA A 330 5.21 5.31 -4.16
CA ALA A 330 4.98 5.95 -2.87
C ALA A 330 5.52 5.04 -1.78
N TRP A 331 6.34 5.62 -0.90
CA TRP A 331 7.09 4.85 0.09
C TRP A 331 6.56 5.12 1.48
N ASP A 332 6.32 4.05 2.23
CA ASP A 332 5.98 4.11 3.65
C ASP A 332 7.10 3.37 4.40
N LEU A 333 8.13 4.12 4.80
CA LEU A 333 9.29 3.53 5.45
C LEU A 333 9.02 3.12 6.89
N GLY A 334 7.94 3.62 7.48
CA GLY A 334 7.67 3.41 8.89
C GLY A 334 8.16 4.58 9.74
N LYS A 335 7.66 4.59 10.98
CA LYS A 335 7.93 5.64 11.99
C LYS A 335 7.54 7.02 11.47
N HIS A 336 6.40 7.08 10.75
CA HIS A 336 5.81 8.30 10.19
C HIS A 336 6.76 9.01 9.22
N ASP A 337 7.28 8.24 8.26
CA ASP A 337 8.20 8.74 7.25
C ASP A 337 7.59 8.46 5.88
N PHE A 338 7.16 9.51 5.18
CA PHE A 338 6.47 9.39 3.91
C PHE A 338 7.24 10.12 2.83
N ARG A 339 7.51 9.44 1.71
CA ARG A 339 8.30 9.98 0.61
C ARG A 339 7.65 9.59 -0.72
N ILE A 340 7.97 10.35 -1.75
CA ILE A 340 7.56 10.07 -3.13
C ILE A 340 8.78 10.21 -4.03
N LYS A 341 9.04 9.19 -4.84
CA LYS A 341 10.17 9.20 -5.79
C LYS A 341 9.64 9.09 -7.21
N MET A 342 9.78 10.16 -7.99
CA MET A 342 9.42 10.13 -9.40
C MET A 342 10.22 11.19 -10.15
N CYS A 343 10.29 11.03 -11.47
CA CYS A 343 11.01 11.93 -12.36
C CYS A 343 9.98 12.73 -13.16
N THR A 344 9.81 14.00 -12.81
CA THR A 344 8.67 14.79 -13.24
C THR A 344 9.02 15.66 -14.45
N LYS A 345 8.10 15.68 -15.42
CA LYS A 345 8.18 16.55 -16.59
C LYS A 345 6.91 17.38 -16.70
N VAL A 346 7.02 18.51 -17.39
CA VAL A 346 5.91 19.48 -17.45
C VAL A 346 5.03 19.06 -18.64
N THR A 347 4.15 18.10 -18.37
CA THR A 347 3.17 17.64 -19.35
C THR A 347 1.81 17.54 -18.66
N MET A 348 0.83 16.98 -19.36
CA MET A 348 -0.48 16.73 -18.78
C MET A 348 -0.60 15.34 -18.18
N ASP A 349 0.18 14.37 -18.68
CA ASP A 349 0.16 13.03 -18.12
C ASP A 349 0.80 13.00 -16.73
N ASP A 350 1.84 13.80 -16.52
CA ASP A 350 2.44 13.91 -15.20
C ASP A 350 1.61 14.77 -14.26
N PHE A 351 0.69 15.57 -14.78
CA PHE A 351 -0.24 16.31 -13.94
C PHE A 351 -1.22 15.37 -13.24
N LEU A 352 -1.73 14.37 -13.96
CA LEU A 352 -2.69 13.43 -13.39
C LEU A 352 -2.04 12.33 -12.57
N THR A 353 -0.76 12.03 -12.81
CA THR A 353 -0.07 10.99 -12.04
C THR A 353 0.24 11.47 -10.62
N ALA A 354 0.38 12.77 -10.42
CA ALA A 354 0.64 13.31 -9.08
C ALA A 354 -0.59 13.20 -8.18
N HIS A 355 -1.79 13.19 -8.77
CA HIS A 355 -3.00 12.99 -7.97
C HIS A 355 -3.17 11.52 -7.58
N HIS A 356 -2.68 10.59 -8.41
CA HIS A 356 -2.78 9.18 -8.09
C HIS A 356 -1.83 8.79 -6.97
N GLU A 357 -0.59 9.27 -7.01
CA GLU A 357 0.41 8.89 -6.01
C GLU A 357 0.17 9.57 -4.67
N MET A 358 -0.42 10.77 -4.66
CA MET A 358 -0.76 11.42 -3.41
C MET A 358 -1.99 10.79 -2.75
N GLY A 359 -2.81 10.06 -3.52
CA GLY A 359 -3.90 9.31 -2.93
C GLY A 359 -3.45 8.08 -2.14
N HIS A 360 -2.29 7.50 -2.51
CA HIS A 360 -1.72 6.43 -1.71
C HIS A 360 -1.18 6.94 -0.38
N ILE A 361 -0.69 8.18 -0.35
CA ILE A 361 -0.14 8.76 0.87
C ILE A 361 -1.26 9.04 1.88
N GLN A 362 -2.41 9.50 1.41
CA GLN A 362 -3.54 9.80 2.29
C GLN A 362 -4.12 8.54 2.93
N TYR A 363 -4.03 7.39 2.24
CA TYR A 363 -4.46 6.13 2.83
C TYR A 363 -3.50 5.68 3.93
N ASP A 364 -2.19 5.85 3.71
CA ASP A 364 -1.19 5.42 4.69
C ASP A 364 -1.22 6.26 5.95
N MET A 365 -1.55 7.55 5.84
CA MET A 365 -1.63 8.43 7.00
C MET A 365 -2.88 8.22 7.83
N ALA A 366 -3.85 7.44 7.35
CA ALA A 366 -5.11 7.27 8.07
C ALA A 366 -5.04 6.16 9.10
N TYR A 367 -4.44 5.01 8.77
CA TYR A 367 -4.36 3.89 9.69
C TYR A 367 -3.02 3.82 10.44
N ALA A 368 -2.41 4.97 10.72
CA ALA A 368 -1.11 4.98 11.38
C ALA A 368 -1.20 4.64 12.87
N ALA A 369 -2.40 4.71 13.45
CA ALA A 369 -2.59 4.41 14.87
C ALA A 369 -2.97 2.95 15.12
N GLN A 370 -3.05 2.14 14.08
CA GLN A 370 -3.32 0.71 14.22
C GLN A 370 -2.09 -0.01 14.74
N PRO A 371 -2.25 -1.21 15.30
CA PRO A 371 -1.09 -2.05 15.61
C PRO A 371 -0.33 -2.47 14.36
N PHE A 372 0.92 -2.89 14.56
CA PHE A 372 1.88 -3.07 13.48
C PHE A 372 1.48 -4.17 12.49
N LEU A 373 0.78 -5.20 12.96
CA LEU A 373 0.35 -6.28 12.08
C LEU A 373 -0.93 -5.96 11.32
N LEU A 374 -1.62 -4.87 11.64
CA LEU A 374 -2.93 -4.56 11.07
C LEU A 374 -2.92 -3.27 10.27
N ARG A 375 -1.78 -2.89 9.68
CA ARG A 375 -1.67 -1.67 8.90
C ARG A 375 -1.65 -2.02 7.41
N ASN A 376 -2.84 -2.16 6.84
CA ASN A 376 -3.02 -2.47 5.43
C ASN A 376 -4.44 -2.09 5.02
N GLY A 377 -4.77 -2.34 3.75
CA GLY A 377 -6.13 -2.22 3.27
C GLY A 377 -6.96 -3.42 3.65
N ALA A 378 -8.26 -3.35 3.31
CA ALA A 378 -9.20 -4.39 3.70
C ALA A 378 -8.90 -5.71 2.99
N ASN A 379 -8.57 -5.67 1.72
CA ASN A 379 -8.03 -6.82 1.01
C ASN A 379 -7.07 -6.31 -0.06
N GLU A 380 -6.73 -7.18 -1.01
CA GLU A 380 -5.70 -6.87 -2.01
C GLU A 380 -6.21 -6.06 -3.19
N GLY A 381 -7.41 -5.48 -3.10
CA GLY A 381 -7.92 -4.65 -4.18
C GLY A 381 -8.36 -3.27 -3.72
N PHE A 382 -8.31 -3.02 -2.41
CA PHE A 382 -8.79 -1.75 -1.86
C PHE A 382 -7.81 -0.61 -2.07
N HIS A 383 -6.51 -0.89 -2.12
CA HIS A 383 -5.51 0.18 -2.09
C HIS A 383 -5.42 0.91 -3.42
N GLU A 384 -5.47 0.18 -4.54
CA GLU A 384 -5.41 0.82 -5.85
C GLU A 384 -6.73 1.45 -6.27
N ALA A 385 -7.85 1.07 -5.66
CA ALA A 385 -9.14 1.63 -6.04
C ALA A 385 -9.33 3.06 -5.51
N VAL A 386 -8.67 3.39 -4.39
CA VAL A 386 -8.77 4.74 -3.84
C VAL A 386 -8.04 5.74 -4.74
N GLY A 387 -6.88 5.35 -5.28
CA GLY A 387 -6.11 6.24 -6.12
C GLY A 387 -6.69 6.48 -7.48
N GLU A 388 -7.54 5.58 -7.98
CA GLU A 388 -8.10 5.72 -9.33
C GLU A 388 -9.20 6.76 -9.39
N ILE A 389 -9.98 6.93 -8.33
CA ILE A 389 -11.07 7.90 -8.37
C ILE A 389 -10.59 9.32 -8.12
N MET A 390 -9.39 9.50 -7.57
CA MET A 390 -8.85 10.85 -7.37
C MET A 390 -8.37 11.46 -8.67
N SER A 391 -7.90 10.64 -9.61
CA SER A 391 -7.50 11.08 -10.92
C SER A 391 -8.66 11.19 -11.90
N LEU A 392 -9.87 10.85 -11.46
CA LEU A 392 -11.06 10.88 -12.30
C LEU A 392 -11.79 12.20 -12.24
N SER A 393 -11.71 12.93 -11.12
CA SER A 393 -12.37 14.21 -10.97
C SER A 393 -11.52 15.39 -11.44
N ALA A 394 -10.20 15.26 -11.39
CA ALA A 394 -9.31 16.35 -11.77
C ALA A 394 -9.20 16.55 -13.27
N ALA A 395 -9.70 15.62 -14.07
CA ALA A 395 -9.66 15.74 -15.53
C ALA A 395 -10.96 16.31 -16.10
N THR A 396 -11.93 16.65 -15.26
CA THR A 396 -13.19 17.19 -15.75
C THR A 396 -12.98 18.64 -16.22
N PRO A 397 -13.66 19.07 -17.28
CA PRO A 397 -13.49 20.45 -17.77
C PRO A 397 -14.05 21.50 -16.84
N ASN A 398 -14.93 21.14 -15.90
CA ASN A 398 -15.40 22.11 -14.91
C ASN A 398 -14.29 22.48 -13.93
N HIS A 399 -13.45 21.51 -13.58
CA HIS A 399 -12.34 21.76 -12.65
C HIS A 399 -11.20 22.54 -13.32
N LEU A 400 -10.97 22.29 -14.61
CA LEU A 400 -9.88 22.95 -15.31
C LEU A 400 -10.17 24.42 -15.62
N LYS A 401 -11.44 24.82 -15.66
CA LYS A 401 -11.78 26.23 -15.82
C LYS A 401 -11.58 27.01 -14.53
N ASN A 402 -11.73 26.36 -13.38
CA ASN A 402 -11.61 27.04 -12.09
C ASN A 402 -10.16 27.32 -11.70
N ILE A 403 -9.18 26.73 -12.37
CA ILE A 403 -7.77 26.95 -12.05
C ILE A 403 -7.06 27.76 -13.13
N GLY A 404 -7.81 28.35 -14.06
CA GLY A 404 -7.23 29.26 -15.03
C GLY A 404 -6.60 28.63 -16.24
N LEU A 405 -6.68 27.31 -16.40
CA LEU A 405 -6.08 26.63 -17.53
C LEU A 405 -6.99 26.61 -18.77
N LEU A 406 -8.21 27.11 -18.65
CA LEU A 406 -9.13 27.25 -19.77
C LEU A 406 -9.75 28.65 -19.75
N PRO A 407 -10.08 29.20 -20.92
CA PRO A 407 -10.71 30.53 -20.94
C PRO A 407 -12.11 30.49 -20.37
N PRO A 408 -12.60 31.60 -19.82
CA PRO A 408 -13.96 31.62 -19.26
C PRO A 408 -15.05 31.46 -20.30
N ASP A 409 -14.79 31.81 -21.56
CA ASP A 409 -15.78 31.67 -22.63
C ASP A 409 -15.55 30.35 -23.36
N PHE A 410 -15.73 29.26 -22.62
CA PHE A 410 -15.56 27.90 -23.14
C PHE A 410 -16.92 27.22 -23.19
N SER A 411 -17.28 26.72 -24.36
CA SER A 411 -18.60 26.11 -24.58
C SER A 411 -18.46 24.59 -24.64
N GLU A 412 -19.32 23.91 -23.89
CA GLU A 412 -19.31 22.44 -23.88
C GLU A 412 -19.83 21.90 -25.20
N ASP A 413 -19.16 20.86 -25.70
CA ASP A 413 -19.52 20.22 -26.96
C ASP A 413 -20.04 18.82 -26.68
N SER A 414 -21.14 18.46 -27.33
CA SER A 414 -21.71 17.13 -27.17
C SER A 414 -21.05 16.09 -28.07
N GLU A 415 -20.25 16.51 -29.04
CA GLU A 415 -19.53 15.58 -29.91
C GLU A 415 -18.16 15.22 -29.39
N THR A 416 -17.66 15.91 -28.36
CA THR A 416 -16.40 15.57 -27.73
C THR A 416 -16.57 14.69 -26.50
N ASP A 417 -17.82 14.40 -26.11
CA ASP A 417 -18.07 13.48 -25.02
C ASP A 417 -18.12 12.03 -25.49
N ILE A 418 -18.48 11.81 -26.76
CA ILE A 418 -18.39 10.48 -27.35
C ILE A 418 -16.93 10.07 -27.51
N ASN A 419 -16.06 11.03 -27.82
CA ASN A 419 -14.64 10.76 -27.96
C ASN A 419 -13.99 10.40 -26.64
N PHE A 420 -14.46 10.97 -25.54
CA PHE A 420 -13.90 10.67 -24.23
C PHE A 420 -14.37 9.31 -23.71
N LEU A 421 -15.60 8.91 -24.07
CA LEU A 421 -16.18 7.68 -23.52
C LEU A 421 -15.71 6.44 -24.26
N LEU A 422 -15.36 6.55 -25.54
CA LEU A 422 -14.88 5.39 -26.28
C LEU A 422 -13.47 5.00 -25.86
N LYS A 423 -12.65 5.98 -25.51
CA LYS A 423 -11.26 5.70 -25.13
C LYS A 423 -11.18 5.08 -23.74
N GLN A 424 -12.16 5.37 -22.87
CA GLN A 424 -12.21 4.73 -21.56
C GLN A 424 -12.60 3.26 -21.67
N ALA A 425 -13.49 2.94 -22.62
CA ALA A 425 -14.00 1.58 -22.75
C ALA A 425 -12.97 0.63 -23.35
N LEU A 426 -11.97 1.13 -24.07
CA LEU A 426 -10.96 0.26 -24.65
C LEU A 426 -9.99 -0.27 -23.60
N THR A 427 -9.87 0.39 -22.45
CA THR A 427 -8.98 -0.02 -21.38
C THR A 427 -9.69 -0.80 -20.27
N ILE A 428 -10.89 -0.36 -19.89
CA ILE A 428 -11.57 -0.90 -18.71
C ILE A 428 -12.45 -2.10 -19.07
N VAL A 429 -13.34 -1.93 -20.05
CA VAL A 429 -14.28 -2.99 -20.40
C VAL A 429 -13.56 -4.11 -21.16
N GLY A 430 -12.59 -3.76 -21.99
CA GLY A 430 -11.96 -4.72 -22.89
C GLY A 430 -10.99 -5.70 -22.23
N THR A 431 -10.68 -5.51 -20.95
CA THR A 431 -9.75 -6.39 -20.26
C THR A 431 -10.44 -7.35 -19.29
N LEU A 432 -11.76 -7.26 -19.14
CA LEU A 432 -12.49 -8.08 -18.16
C LEU A 432 -12.73 -9.53 -18.58
N PRO A 433 -13.04 -9.87 -19.85
CA PRO A 433 -13.01 -11.30 -20.22
C PRO A 433 -11.62 -11.93 -20.18
N PHE A 434 -10.55 -11.14 -20.26
CA PHE A 434 -9.20 -11.70 -20.24
C PHE A 434 -8.82 -12.20 -18.85
N THR A 435 -9.18 -11.45 -17.80
CA THR A 435 -8.83 -11.81 -16.45
C THR A 435 -9.66 -12.98 -15.93
N TYR A 436 -10.91 -13.09 -16.39
CA TYR A 436 -11.78 -14.18 -15.95
C TYR A 436 -11.33 -15.52 -16.49
N MET A 437 -10.83 -15.54 -17.73
CA MET A 437 -10.41 -16.78 -18.38
C MET A 437 -9.08 -17.29 -17.84
N LEU A 438 -8.21 -16.40 -17.37
CA LEU A 438 -6.89 -16.80 -16.88
C LEU A 438 -6.98 -17.56 -15.57
N GLU A 439 -7.74 -17.04 -14.61
CA GLU A 439 -7.81 -17.67 -13.29
C GLU A 439 -8.65 -18.94 -13.29
N LYS A 440 -9.58 -19.09 -14.24
CA LYS A 440 -10.42 -20.28 -14.28
C LYS A 440 -9.63 -21.50 -14.78
N TRP A 441 -8.65 -21.28 -15.67
CA TRP A 441 -7.85 -22.38 -16.19
C TRP A 441 -6.88 -22.92 -15.13
N ARG A 442 -6.34 -22.03 -14.29
CA ARG A 442 -5.39 -22.47 -13.27
C ARG A 442 -6.07 -23.18 -12.09
N TRP A 443 -7.34 -22.86 -11.82
CA TRP A 443 -8.04 -23.52 -10.72
C TRP A 443 -8.36 -24.98 -11.05
N MET A 444 -8.69 -25.27 -12.32
CA MET A 444 -8.94 -26.64 -12.73
C MET A 444 -7.67 -27.47 -12.77
N VAL A 445 -6.55 -26.86 -13.16
CA VAL A 445 -5.31 -27.62 -13.33
C VAL A 445 -4.66 -27.97 -11.99
N PHE A 446 -5.01 -27.25 -10.91
CA PHE A 446 -4.54 -27.62 -9.58
C PHE A 446 -5.42 -28.68 -8.93
N LYS A 447 -6.60 -28.93 -9.47
CA LYS A 447 -7.55 -29.86 -8.88
C LYS A 447 -7.49 -31.25 -9.49
N GLY A 448 -7.20 -31.35 -10.78
CA GLY A 448 -7.13 -32.64 -11.44
C GLY A 448 -8.22 -32.90 -12.46
N GLU A 449 -9.05 -31.90 -12.78
CA GLU A 449 -10.05 -32.06 -13.83
C GLU A 449 -9.41 -32.08 -15.22
N ILE A 450 -8.22 -31.51 -15.36
CA ILE A 450 -7.52 -31.48 -16.64
C ILE A 450 -6.24 -32.30 -16.51
N PRO A 451 -6.17 -33.49 -17.11
CA PRO A 451 -4.92 -34.24 -17.12
C PRO A 451 -3.86 -33.59 -18.01
N LYS A 452 -2.61 -34.01 -17.79
CA LYS A 452 -1.47 -33.35 -18.42
C LYS A 452 -1.38 -33.56 -19.92
N GLU A 453 -2.11 -34.53 -20.47
CA GLU A 453 -2.17 -34.72 -21.91
C GLU A 453 -3.25 -33.88 -22.58
N GLN A 454 -3.97 -33.06 -21.81
CA GLN A 454 -5.04 -32.21 -22.34
C GLN A 454 -4.89 -30.77 -21.85
N TRP A 455 -3.66 -30.30 -21.64
CA TRP A 455 -3.46 -28.94 -21.15
C TRP A 455 -3.70 -27.91 -22.24
N MET A 456 -3.06 -28.09 -23.40
CA MET A 456 -3.21 -27.13 -24.50
C MET A 456 -4.50 -27.33 -25.28
N GLN A 457 -5.21 -28.44 -25.08
CA GLN A 457 -6.48 -28.64 -25.77
C GLN A 457 -7.57 -27.75 -25.18
N LYS A 458 -7.56 -27.57 -23.86
CA LYS A 458 -8.55 -26.75 -23.18
C LYS A 458 -8.21 -25.27 -23.16
N TRP A 459 -6.99 -24.90 -23.54
CA TRP A 459 -6.62 -23.48 -23.53
C TRP A 459 -7.24 -22.73 -24.70
N TRP A 460 -7.29 -23.35 -25.88
CA TRP A 460 -7.88 -22.71 -27.05
C TRP A 460 -9.37 -22.98 -27.19
N GLU A 461 -9.94 -23.86 -26.38
CA GLU A 461 -11.39 -24.04 -26.35
C GLU A 461 -12.09 -22.93 -25.57
N MET A 462 -11.45 -22.36 -24.56
CA MET A 462 -12.02 -21.28 -23.78
C MET A 462 -11.72 -19.90 -24.33
N LYS A 463 -10.75 -19.79 -25.25
CA LYS A 463 -10.53 -18.52 -25.94
C LYS A 463 -11.64 -18.23 -26.93
N ARG A 464 -12.10 -19.25 -27.65
CA ARG A 464 -13.13 -19.05 -28.66
C ARG A 464 -14.51 -18.87 -28.03
N ASP A 465 -14.73 -19.42 -26.84
CA ASP A 465 -16.06 -19.46 -26.24
C ASP A 465 -16.33 -18.29 -25.32
N ILE A 466 -15.31 -17.80 -24.60
CA ILE A 466 -15.49 -16.74 -23.61
C ILE A 466 -15.02 -15.41 -24.14
N VAL A 467 -13.82 -15.36 -24.71
CA VAL A 467 -13.24 -14.09 -25.17
C VAL A 467 -13.61 -13.80 -26.62
N GLY A 468 -13.54 -14.80 -27.49
CA GLY A 468 -13.82 -14.60 -28.90
C GLY A 468 -12.57 -14.34 -29.71
N VAL A 469 -11.47 -15.03 -29.36
CA VAL A 469 -10.17 -14.85 -29.98
C VAL A 469 -9.70 -16.20 -30.50
N VAL A 470 -9.26 -16.24 -31.76
CA VAL A 470 -8.87 -17.47 -32.44
C VAL A 470 -7.37 -17.46 -32.66
N GLU A 471 -6.75 -18.63 -32.50
CA GLU A 471 -5.30 -18.78 -32.67
C GLU A 471 -4.90 -18.66 -34.14
N PRO A 472 -3.73 -18.09 -34.42
CA PRO A 472 -3.26 -18.02 -35.82
C PRO A 472 -2.65 -19.32 -36.33
N LEU A 473 -1.96 -20.05 -35.46
CA LEU A 473 -1.26 -21.27 -35.83
C LEU A 473 -1.56 -22.38 -34.83
N PRO A 474 -1.71 -23.63 -35.28
CA PRO A 474 -2.02 -24.72 -34.34
C PRO A 474 -0.82 -25.14 -33.51
N HIS A 475 -1.10 -25.61 -32.30
CA HIS A 475 -0.10 -26.02 -31.33
C HIS A 475 -0.37 -27.47 -30.91
N ASP A 476 0.54 -28.02 -30.11
CA ASP A 476 0.46 -29.40 -29.67
C ASP A 476 0.87 -29.45 -28.20
N GLU A 477 1.19 -30.66 -27.71
CA GLU A 477 1.44 -30.89 -26.29
C GLU A 477 2.92 -30.72 -25.91
N THR A 478 3.67 -29.91 -26.65
CA THR A 478 5.00 -29.51 -26.23
C THR A 478 5.11 -28.04 -25.86
N TYR A 479 4.06 -27.26 -26.08
CA TYR A 479 4.02 -25.84 -25.77
C TYR A 479 3.58 -25.61 -24.34
N CYS A 480 3.83 -24.39 -23.85
CA CYS A 480 3.21 -23.87 -22.63
C CYS A 480 2.97 -22.38 -22.88
N ASP A 481 1.80 -22.06 -23.42
CA ASP A 481 1.40 -20.70 -23.77
C ASP A 481 1.02 -19.78 -22.60
N PRO A 482 0.38 -20.26 -21.50
CA PRO A 482 0.27 -19.37 -20.32
C PRO A 482 1.60 -19.03 -19.66
N ALA A 483 2.66 -19.80 -19.89
CA ALA A 483 3.93 -19.57 -19.23
C ALA A 483 4.73 -18.43 -19.85
N ALA A 484 4.26 -17.83 -20.94
CA ALA A 484 4.90 -16.69 -21.57
C ALA A 484 4.49 -15.37 -20.94
N LEU A 485 3.66 -15.39 -19.91
CA LEU A 485 3.25 -14.20 -19.17
C LEU A 485 4.15 -14.01 -17.97
N PHE A 486 4.24 -12.76 -17.50
CA PHE A 486 5.13 -12.42 -16.40
C PHE A 486 4.67 -13.03 -15.07
N HIS A 487 3.36 -12.98 -14.80
CA HIS A 487 2.86 -13.42 -13.49
C HIS A 487 2.86 -14.92 -13.34
N VAL A 488 2.66 -15.67 -14.42
CA VAL A 488 2.64 -17.13 -14.33
C VAL A 488 4.03 -17.70 -14.06
N ALA A 489 5.04 -17.16 -14.74
CA ALA A 489 6.41 -17.63 -14.56
C ALA A 489 7.07 -17.12 -13.29
N ASN A 490 6.46 -16.17 -12.59
CA ASN A 490 7.02 -15.61 -11.36
C ASN A 490 6.13 -15.86 -10.15
N ASP A 491 5.13 -16.76 -10.26
CA ASP A 491 4.29 -17.24 -9.16
C ASP A 491 3.49 -16.10 -8.50
N TYR A 492 2.62 -15.49 -9.29
CA TYR A 492 1.73 -14.42 -8.83
C TYR A 492 0.29 -14.76 -9.16
N SER A 493 -0.63 -14.30 -8.31
CA SER A 493 -2.06 -14.47 -8.54
C SER A 493 -2.61 -13.31 -9.36
N PHE A 494 -3.71 -13.57 -10.07
CA PHE A 494 -4.22 -12.66 -11.09
C PHE A 494 -5.64 -12.20 -10.85
N ILE A 495 -6.29 -12.60 -9.76
CA ILE A 495 -7.69 -12.23 -9.53
C ILE A 495 -7.84 -10.85 -8.91
N ARG A 496 -6.73 -10.22 -8.50
CA ARG A 496 -6.80 -8.90 -7.89
C ARG A 496 -7.14 -7.80 -8.89
N TYR A 497 -6.92 -8.04 -10.19
CA TYR A 497 -7.23 -7.05 -11.21
C TYR A 497 -8.68 -7.07 -11.66
N TYR A 498 -9.45 -8.07 -11.23
CA TYR A 498 -10.86 -8.16 -11.58
C TYR A 498 -11.75 -7.44 -10.58
N THR A 499 -11.54 -7.70 -9.28
CA THR A 499 -12.38 -7.12 -8.24
C THR A 499 -12.07 -5.65 -7.97
N ARG A 500 -10.89 -5.17 -8.38
CA ARG A 500 -10.53 -3.78 -8.16
C ARG A 500 -11.34 -2.84 -9.05
N THR A 501 -11.72 -3.31 -10.24
CA THR A 501 -12.50 -2.47 -11.15
C THR A 501 -13.94 -2.32 -10.68
N ILE A 502 -14.51 -3.37 -10.08
CA ILE A 502 -15.89 -3.35 -9.62
C ILE A 502 -16.04 -2.43 -8.41
N TYR A 503 -15.06 -2.45 -7.49
CA TYR A 503 -15.08 -1.56 -6.33
C TYR A 503 -14.93 -0.09 -6.69
N GLN A 504 -14.33 0.21 -7.85
CA GLN A 504 -14.01 1.59 -8.22
C GLN A 504 -15.27 2.41 -8.52
N PHE A 505 -16.22 1.84 -9.25
CA PHE A 505 -17.41 2.59 -9.64
C PHE A 505 -18.51 2.54 -8.58
N GLN A 506 -18.38 1.70 -7.55
CA GLN A 506 -19.34 1.74 -6.46
C GLN A 506 -19.08 2.93 -5.53
N PHE A 507 -17.81 3.27 -5.32
CA PHE A 507 -17.47 4.44 -4.51
C PHE A 507 -17.82 5.74 -5.24
N GLN A 508 -17.62 5.76 -6.56
CA GLN A 508 -17.84 6.99 -7.32
C GLN A 508 -19.33 7.31 -7.46
N GLU A 509 -20.17 6.29 -7.63
CA GLU A 509 -21.59 6.52 -7.77
C GLU A 509 -22.23 6.95 -6.45
N ALA A 510 -21.68 6.49 -5.33
CA ALA A 510 -22.26 6.84 -4.02
C ALA A 510 -21.89 8.26 -3.59
N LEU A 511 -20.68 8.71 -3.90
CA LEU A 511 -20.22 10.01 -3.44
C LEU A 511 -20.84 11.17 -4.22
N CYS A 512 -21.28 10.96 -5.45
CA CYS A 512 -21.89 12.01 -6.24
C CYS A 512 -23.35 12.26 -5.88
N GLN A 513 -23.94 11.41 -5.04
CA GLN A 513 -25.27 11.66 -4.51
C GLN A 513 -25.24 12.48 -3.22
N ILE A 514 -24.16 12.38 -2.45
CA ILE A 514 -23.98 13.24 -1.28
C ILE A 514 -23.69 14.67 -1.70
N ALA A 515 -23.03 14.86 -2.84
CA ALA A 515 -22.65 16.17 -3.33
C ALA A 515 -23.77 16.88 -4.08
N LYS A 516 -24.95 16.25 -4.19
CA LYS A 516 -26.14 16.79 -4.88
C LYS A 516 -25.85 17.13 -6.34
N HIS A 517 -25.20 16.20 -7.03
CA HIS A 517 -24.88 16.37 -8.44
C HIS A 517 -26.13 16.16 -9.28
N GLU A 518 -26.36 17.06 -10.24
CA GLU A 518 -27.47 16.96 -11.18
C GLU A 518 -26.92 16.69 -12.57
N GLY A 519 -27.37 15.61 -13.19
CA GLY A 519 -26.94 15.24 -14.52
C GLY A 519 -26.34 13.85 -14.57
N PRO A 520 -25.65 13.55 -15.67
CA PRO A 520 -25.01 12.23 -15.80
C PRO A 520 -23.77 12.11 -14.94
N LEU A 521 -23.36 10.86 -14.71
CA LEU A 521 -22.30 10.54 -13.75
C LEU A 521 -20.90 10.88 -14.25
N TYR A 522 -20.68 10.92 -15.57
CA TYR A 522 -19.34 11.18 -16.09
C TYR A 522 -18.92 12.64 -16.00
N LYS A 523 -19.81 13.54 -15.58
CA LYS A 523 -19.48 14.94 -15.35
C LYS A 523 -19.34 15.29 -13.88
N CYS A 524 -19.28 14.29 -13.00
CA CYS A 524 -19.28 14.54 -11.56
C CYS A 524 -17.93 15.08 -11.09
N ASP A 525 -17.99 16.06 -10.19
CA ASP A 525 -16.80 16.67 -9.60
C ASP A 525 -17.08 16.86 -8.12
N ILE A 526 -16.27 16.23 -7.27
CA ILE A 526 -16.51 16.22 -5.83
C ILE A 526 -15.71 17.31 -5.12
N SER A 527 -15.11 18.24 -5.86
CA SER A 527 -14.36 19.32 -5.24
C SER A 527 -15.30 20.33 -4.59
N ASN A 528 -14.78 21.00 -3.55
CA ASN A 528 -15.51 21.95 -2.70
C ASN A 528 -16.77 21.32 -2.09
N SER A 529 -16.65 20.06 -1.67
CA SER A 529 -17.74 19.32 -1.05
C SER A 529 -17.18 18.61 0.18
N ARG A 530 -17.30 19.22 1.35
CA ARG A 530 -16.75 18.66 2.57
C ARG A 530 -17.59 17.50 3.12
N GLU A 531 -18.83 17.35 2.65
CA GLU A 531 -19.65 16.24 3.13
C GLU A 531 -19.21 14.92 2.52
N ALA A 532 -18.65 14.93 1.32
CA ALA A 532 -18.18 13.72 0.68
C ALA A 532 -16.80 13.28 1.14
N GLY A 533 -16.07 14.14 1.85
CA GLY A 533 -14.77 13.78 2.37
C GLY A 533 -14.85 13.14 3.74
N GLN A 534 -15.92 13.44 4.48
CA GLN A 534 -16.12 12.81 5.78
C GLN A 534 -16.63 11.38 5.65
N LYS A 535 -17.33 11.07 4.56
CA LYS A 535 -17.83 9.72 4.35
C LYS A 535 -16.71 8.75 3.98
N LEU A 536 -15.75 9.21 3.18
CA LEU A 536 -14.66 8.34 2.75
C LEU A 536 -13.64 8.10 3.86
N HIS A 537 -13.48 9.07 4.76
CA HIS A 537 -12.47 8.95 5.82
C HIS A 537 -12.86 7.93 6.88
N GLU A 538 -14.14 7.59 7.01
CA GLU A 538 -14.59 6.61 8.00
C GLU A 538 -14.15 5.20 7.64
N MET A 539 -13.98 4.91 6.35
CA MET A 539 -13.52 3.60 5.90
C MET A 539 -12.01 3.49 5.87
N LEU A 540 -11.31 4.60 5.60
CA LEU A 540 -9.86 4.57 5.41
C LEU A 540 -9.10 4.36 6.71
N SER A 541 -9.70 4.67 7.86
CA SER A 541 -9.01 4.60 9.14
C SER A 541 -9.23 3.28 9.87
N LEU A 542 -9.86 2.31 9.23
CA LEU A 542 -10.13 1.02 9.87
C LEU A 542 -8.96 0.05 9.76
N GLY A 543 -8.31 -0.02 8.60
CA GLY A 543 -7.18 -0.92 8.44
C GLY A 543 -7.65 -2.34 8.21
N ARG A 544 -7.16 -3.26 9.04
CA ARG A 544 -7.55 -4.67 8.99
C ARG A 544 -8.19 -5.11 10.30
N SER A 545 -8.77 -4.18 11.05
CA SER A 545 -9.42 -4.54 12.29
C SER A 545 -10.76 -5.22 12.07
N LYS A 546 -11.41 -4.97 10.93
CA LYS A 546 -12.74 -5.47 10.61
C LYS A 546 -12.70 -6.26 9.31
N PRO A 547 -13.67 -7.15 9.08
CA PRO A 547 -13.77 -7.81 7.77
C PRO A 547 -14.13 -6.83 6.66
N TRP A 548 -13.77 -7.21 5.43
CA TRP A 548 -13.99 -6.34 4.29
C TRP A 548 -15.46 -6.22 3.91
N THR A 549 -16.30 -7.15 4.34
CA THR A 549 -17.74 -7.00 4.14
C THR A 549 -18.33 -5.93 5.04
N PHE A 550 -17.70 -5.70 6.20
CA PHE A 550 -18.16 -4.63 7.10
C PHE A 550 -17.79 -3.26 6.57
N ALA A 551 -16.59 -3.12 5.98
CA ALA A 551 -16.11 -1.83 5.53
C ALA A 551 -16.78 -1.37 4.24
N LEU A 552 -17.33 -2.30 3.44
CA LEU A 552 -18.04 -1.91 2.24
C LEU A 552 -19.39 -1.27 2.55
N GLU A 553 -20.06 -1.72 3.61
CA GLU A 553 -21.39 -1.23 3.92
C GLU A 553 -21.37 0.18 4.51
N ARG A 554 -20.22 0.65 4.99
CA ARG A 554 -20.12 1.99 5.57
C ARG A 554 -20.10 3.08 4.52
N VAL A 555 -19.82 2.74 3.26
CA VAL A 555 -19.75 3.71 2.17
C VAL A 555 -20.94 3.57 1.23
N VAL A 556 -21.17 2.36 0.70
CA VAL A 556 -22.19 2.16 -0.33
C VAL A 556 -23.50 1.58 0.23
N GLY A 557 -23.50 1.04 1.44
CA GLY A 557 -24.71 0.51 2.03
C GLY A 557 -25.05 -0.91 1.64
N ALA A 558 -24.09 -1.69 1.16
CA ALA A 558 -24.32 -3.08 0.77
C ALA A 558 -23.13 -3.93 1.20
N LYS A 559 -23.39 -5.22 1.40
CA LYS A 559 -22.37 -6.14 1.88
C LYS A 559 -21.53 -6.75 0.75
N THR A 560 -22.12 -7.02 -0.41
CA THR A 560 -21.43 -7.68 -1.49
C THR A 560 -21.28 -6.74 -2.68
N MET A 561 -20.53 -7.19 -3.68
CA MET A 561 -20.23 -6.35 -4.82
C MET A 561 -21.40 -6.35 -5.83
N ASP A 562 -21.43 -5.32 -6.66
CA ASP A 562 -22.50 -5.10 -7.61
C ASP A 562 -21.93 -4.46 -8.86
N VAL A 563 -22.52 -4.80 -10.01
CA VAL A 563 -22.03 -4.34 -11.31
C VAL A 563 -22.92 -3.28 -11.94
N ARG A 564 -24.08 -2.99 -11.35
CA ARG A 564 -24.98 -1.97 -11.90
C ARG A 564 -24.46 -0.52 -11.86
N PRO A 565 -23.64 -0.07 -10.90
CA PRO A 565 -22.98 1.24 -11.10
C PRO A 565 -22.06 1.32 -12.32
N LEU A 566 -21.44 0.21 -12.73
CA LEU A 566 -20.56 0.26 -13.88
C LEU A 566 -21.32 0.42 -15.18
N LEU A 567 -22.50 -0.18 -15.28
CA LEU A 567 -23.31 -0.07 -16.49
C LEU A 567 -24.01 1.27 -16.62
N ASN A 568 -24.08 2.05 -15.54
CA ASN A 568 -24.66 3.39 -15.59
C ASN A 568 -23.66 4.43 -16.07
N TYR A 569 -22.36 4.18 -15.90
CA TYR A 569 -21.33 5.12 -16.35
C TYR A 569 -21.27 5.17 -17.87
N PHE A 570 -21.41 4.02 -18.53
CA PHE A 570 -21.29 3.91 -19.99
C PHE A 570 -22.65 3.91 -20.68
N GLU A 571 -23.65 4.56 -20.08
CA GLU A 571 -25.00 4.61 -20.62
C GLU A 571 -25.16 5.57 -21.81
N PRO A 572 -24.52 6.77 -21.85
CA PRO A 572 -24.50 7.49 -23.14
C PRO A 572 -23.78 6.77 -24.26
N LEU A 573 -22.74 5.98 -23.95
CA LEU A 573 -22.05 5.23 -25.00
C LEU A 573 -22.89 4.05 -25.47
N PHE A 574 -23.69 3.46 -24.59
CA PHE A 574 -24.48 2.29 -24.96
C PHE A 574 -25.61 2.63 -25.92
N THR A 575 -26.17 3.84 -25.82
CA THR A 575 -27.20 4.27 -26.76
C THR A 575 -26.61 4.56 -28.14
N TRP A 576 -25.40 5.13 -28.17
CA TRP A 576 -24.76 5.44 -29.45
C TRP A 576 -24.26 4.18 -30.15
N LEU A 577 -23.94 3.13 -29.39
CA LEU A 577 -23.44 1.90 -29.99
C LEU A 577 -24.54 1.14 -30.70
N LYS A 578 -25.76 1.15 -30.16
CA LYS A 578 -26.86 0.39 -30.76
C LYS A 578 -27.39 1.06 -32.03
N GLU A 579 -27.26 2.39 -32.13
CA GLU A 579 -27.65 3.06 -33.36
C GLU A 579 -26.65 2.83 -34.49
N GLN A 580 -25.37 2.70 -34.16
CA GLN A 580 -24.35 2.44 -35.16
C GLN A 580 -24.39 1.00 -35.65
N ASN A 581 -24.90 0.07 -34.82
CA ASN A 581 -24.91 -1.35 -35.14
C ASN A 581 -26.23 -1.80 -35.76
N ARG A 582 -26.92 -0.92 -36.48
CA ARG A 582 -28.22 -1.27 -37.04
C ARG A 582 -28.12 -2.08 -38.32
N ASN A 583 -26.96 -2.13 -38.96
CA ASN A 583 -26.75 -2.92 -40.18
C ASN A 583 -25.61 -3.92 -40.01
N SER A 584 -25.42 -4.42 -38.79
CA SER A 584 -24.33 -5.36 -38.51
C SER A 584 -24.86 -6.62 -37.85
N PHE A 585 -23.95 -7.48 -37.40
CA PHE A 585 -24.29 -8.72 -36.72
C PHE A 585 -23.59 -8.76 -35.37
N VAL A 586 -24.34 -9.07 -34.32
CA VAL A 586 -23.80 -9.15 -32.97
C VAL A 586 -23.69 -10.62 -32.58
N GLY A 587 -22.48 -11.05 -32.25
CA GLY A 587 -22.20 -12.43 -31.94
C GLY A 587 -21.12 -13.01 -32.84
N TRP A 588 -20.73 -14.24 -32.51
CA TRP A 588 -19.69 -14.93 -33.25
C TRP A 588 -19.92 -16.43 -33.17
N ASN A 589 -19.29 -17.15 -34.10
CA ASN A 589 -19.31 -18.60 -34.12
C ASN A 589 -17.88 -19.13 -34.02
N THR A 590 -17.74 -20.34 -33.47
CA THR A 590 -16.44 -20.92 -33.18
C THR A 590 -16.03 -21.98 -34.19
N ASP A 591 -16.35 -21.78 -35.48
CA ASP A 591 -15.96 -22.70 -36.53
C ASP A 591 -14.93 -22.14 -37.49
N TRP A 592 -14.75 -20.81 -37.53
CA TRP A 592 -13.82 -20.19 -38.45
C TRP A 592 -12.45 -20.06 -37.82
N SER A 593 -11.41 -20.38 -38.60
CA SER A 593 -10.02 -20.29 -38.18
C SER A 593 -9.19 -19.71 -39.31
N PRO A 594 -8.10 -19.00 -38.99
CA PRO A 594 -7.21 -18.51 -40.06
C PRO A 594 -6.43 -19.60 -40.79
N TYR A 595 -6.32 -20.80 -40.22
CA TYR A 595 -5.57 -21.88 -40.86
C TYR A 595 -6.50 -23.01 -41.30
N LEU B 17 24.73 32.68 40.92
CA LEU B 17 23.28 32.81 41.10
C LEU B 17 22.63 31.44 41.28
N CYS B 18 21.44 31.29 40.73
CA CYS B 18 20.71 30.04 40.81
C CYS B 18 21.35 28.97 39.92
N PRO B 19 21.20 27.68 40.27
CA PRO B 19 21.73 26.62 39.40
C PRO B 19 20.82 26.25 38.23
N PHE B 20 19.89 27.14 37.85
CA PHE B 20 19.02 26.88 36.72
C PHE B 20 19.77 26.80 35.40
N GLY B 21 20.92 27.46 35.30
CA GLY B 21 21.76 27.32 34.12
C GLY B 21 22.44 25.96 34.02
N GLU B 22 22.64 25.28 35.15
CA GLU B 22 23.24 23.96 35.14
C GLU B 22 22.22 22.85 34.86
N VAL B 23 20.93 23.16 34.93
CA VAL B 23 19.89 22.16 34.69
C VAL B 23 19.43 22.18 33.24
N PHE B 24 19.05 23.35 32.74
CA PHE B 24 18.53 23.47 31.38
C PHE B 24 19.62 23.36 30.32
N ASN B 25 20.86 23.77 30.64
CA ASN B 25 21.96 23.78 29.70
C ASN B 25 23.01 22.72 30.04
N ALA B 26 22.57 21.58 30.57
CA ALA B 26 23.48 20.48 30.84
C ALA B 26 23.70 19.66 29.58
N THR B 27 24.94 19.19 29.41
CA THR B 27 25.29 18.42 28.21
C THR B 27 24.81 16.97 28.28
N ARG B 28 24.53 16.46 29.48
CA ARG B 28 24.13 15.07 29.66
C ARG B 28 22.77 15.03 30.35
N PHE B 29 21.87 14.20 29.83
CA PHE B 29 20.57 13.98 30.44
C PHE B 29 20.37 12.48 30.66
N ALA B 30 19.62 12.15 31.72
CA ALA B 30 19.51 10.78 32.20
C ALA B 30 18.45 10.00 31.42
N SER B 31 18.22 8.76 31.86
CA SER B 31 17.19 7.90 31.30
C SER B 31 15.90 8.02 32.10
N VAL B 32 14.85 7.34 31.63
CA VAL B 32 13.54 7.50 32.24
C VAL B 32 13.35 6.57 33.45
N TYR B 33 14.09 5.46 33.53
CA TYR B 33 13.97 4.62 34.71
C TYR B 33 14.99 5.00 35.79
N ALA B 34 16.20 5.40 35.40
CA ALA B 34 17.17 5.96 36.35
C ALA B 34 17.23 7.48 36.22
N TRP B 35 16.15 8.14 36.63
CA TRP B 35 16.05 9.58 36.48
C TRP B 35 16.72 10.31 37.64
N ASN B 36 17.04 11.58 37.41
CA ASN B 36 17.81 12.39 38.33
C ASN B 36 16.92 13.34 39.13
N ARG B 37 17.42 13.72 40.31
CA ARG B 37 16.76 14.67 41.19
C ARG B 37 17.81 15.60 41.79
N LYS B 38 17.54 16.90 41.76
CA LYS B 38 18.47 17.90 42.25
C LYS B 38 17.76 18.87 43.18
N ARG B 39 18.41 19.18 44.31
CA ARG B 39 17.90 20.14 45.27
C ARG B 39 18.49 21.51 45.00
N ILE B 40 17.63 22.52 44.92
CA ILE B 40 18.03 23.90 44.64
C ILE B 40 17.62 24.75 45.83
N SER B 41 18.58 25.47 46.41
CA SER B 41 18.30 26.28 47.59
C SER B 41 19.27 27.46 47.63
N ASN B 42 18.91 28.45 48.45
CA ASN B 42 19.74 29.64 48.76
C ASN B 42 20.06 30.46 47.51
N CYS B 43 19.02 30.79 46.74
CA CYS B 43 19.16 31.69 45.61
C CYS B 43 17.80 32.33 45.34
N VAL B 44 17.82 33.40 44.55
CA VAL B 44 16.62 34.11 44.12
C VAL B 44 16.49 33.94 42.61
N ALA B 45 15.35 33.41 42.17
CA ALA B 45 15.15 33.01 40.79
C ALA B 45 14.27 34.01 40.06
N ASP B 46 14.63 34.28 38.80
CA ASP B 46 13.86 35.17 37.93
C ASP B 46 12.98 34.27 37.05
N TYR B 47 11.74 34.06 37.50
CA TYR B 47 10.82 33.18 36.79
C TYR B 47 10.21 33.84 35.55
N SER B 48 10.29 35.16 35.42
CA SER B 48 9.72 35.83 34.27
C SER B 48 10.52 35.62 32.99
N VAL B 49 11.80 35.30 33.12
CA VAL B 49 12.62 34.99 31.95
C VAL B 49 12.19 33.67 31.32
N LEU B 50 11.82 32.69 32.16
CA LEU B 50 11.39 31.39 31.66
C LEU B 50 10.04 31.45 31.00
N TYR B 51 9.15 32.35 31.46
CA TYR B 51 7.81 32.43 30.89
C TYR B 51 7.83 33.00 29.47
N ASN B 52 8.62 34.05 29.25
CA ASN B 52 8.71 34.72 27.96
C ASN B 52 9.93 34.29 27.15
N SER B 53 10.34 33.01 27.28
CA SER B 53 11.48 32.53 26.51
C SER B 53 11.12 32.31 25.05
N ALA B 54 9.86 31.94 24.78
CA ALA B 54 9.32 31.67 23.44
C ALA B 54 10.11 30.58 22.71
N SER B 55 10.55 29.56 23.46
CA SER B 55 11.28 28.44 22.90
C SER B 55 10.70 27.09 23.25
N PHE B 56 9.90 26.98 24.31
CA PHE B 56 9.34 25.72 24.74
C PHE B 56 8.00 25.49 24.04
N SER B 57 7.79 24.25 23.59
CA SER B 57 6.56 23.90 22.89
C SER B 57 5.37 23.76 23.84
N THR B 58 5.59 23.29 25.06
CA THR B 58 4.54 23.13 26.04
C THR B 58 4.96 23.75 27.37
N PHE B 59 4.01 24.42 28.03
CA PHE B 59 4.23 25.05 29.33
C PHE B 59 2.90 24.99 30.07
N LYS B 60 2.73 23.94 30.87
CA LYS B 60 1.46 23.66 31.55
C LYS B 60 1.72 23.56 33.04
N CYS B 61 1.35 24.61 33.78
CA CYS B 61 1.50 24.62 35.23
C CYS B 61 0.18 24.21 35.87
N TYR B 62 0.27 23.43 36.94
CA TYR B 62 -0.89 22.88 37.64
C TYR B 62 -0.90 23.39 39.07
N GLY B 63 -2.05 23.87 39.53
CA GLY B 63 -2.23 24.36 40.89
C GLY B 63 -1.86 25.82 41.11
N VAL B 64 -0.77 26.26 40.51
CA VAL B 64 -0.33 27.64 40.62
C VAL B 64 -0.83 28.42 39.42
N SER B 65 -0.85 29.74 39.56
CA SER B 65 -1.38 30.61 38.51
C SER B 65 -0.37 30.76 37.36
N PRO B 66 -0.86 31.03 36.14
CA PRO B 66 0.05 31.33 35.03
C PRO B 66 0.51 32.79 34.99
N THR B 67 0.35 33.51 36.11
CA THR B 67 0.70 34.92 36.23
C THR B 67 2.20 35.12 36.42
N LYS B 68 2.57 36.31 36.89
CA LYS B 68 3.97 36.66 37.14
C LYS B 68 4.61 35.69 38.14
N LEU B 69 3.95 35.47 39.29
CA LEU B 69 4.24 34.39 40.24
C LEU B 69 5.65 34.47 40.82
N ASN B 70 6.20 35.67 40.94
CA ASN B 70 7.58 35.82 41.40
C ASN B 70 7.67 35.82 42.93
N ASP B 71 6.97 36.75 43.58
CA ASP B 71 7.09 36.93 45.02
C ASP B 71 6.28 35.86 45.77
N LEU B 72 6.81 34.64 45.75
CA LEU B 72 6.23 33.51 46.47
C LEU B 72 7.38 32.69 47.04
N CYS B 73 7.57 32.76 48.36
CA CYS B 73 8.66 32.05 49.03
C CYS B 73 8.28 30.59 49.19
N PHE B 74 8.64 29.78 48.22
CA PHE B 74 8.39 28.34 48.29
C PHE B 74 9.41 27.67 49.22
N THR B 75 9.05 26.47 49.68
CA THR B 75 9.90 25.76 50.62
C THR B 75 11.13 25.16 49.92
N ASN B 76 10.89 24.27 48.96
CA ASN B 76 11.97 23.61 48.23
C ASN B 76 11.54 23.40 46.79
N VAL B 77 12.54 23.23 45.92
CA VAL B 77 12.31 23.00 44.49
C VAL B 77 13.18 21.84 44.04
N TYR B 78 12.59 20.94 43.25
CA TYR B 78 13.30 19.81 42.67
C TYR B 78 13.30 19.92 41.15
N ALA B 79 14.38 19.47 40.53
CA ALA B 79 14.52 19.50 39.08
C ALA B 79 14.75 18.07 38.59
N ASP B 80 13.73 17.49 37.97
CA ASP B 80 13.80 16.16 37.38
C ASP B 80 14.01 16.27 35.88
N SER B 81 14.77 15.35 35.30
CA SER B 81 15.16 15.46 33.90
C SER B 81 15.30 14.09 33.28
N PHE B 82 14.69 13.91 32.11
CA PHE B 82 14.77 12.65 31.37
C PHE B 82 14.40 12.92 29.91
N VAL B 83 14.58 11.90 29.07
CA VAL B 83 14.30 11.99 27.64
C VAL B 83 13.32 10.89 27.26
N ILE B 84 12.19 11.28 26.65
CA ILE B 84 11.18 10.35 26.15
C ILE B 84 10.81 10.75 24.72
N ARG B 85 9.84 10.02 24.16
CA ARG B 85 9.33 10.30 22.83
C ARG B 85 8.31 11.44 22.87
N GLY B 86 7.92 11.90 21.68
CA GLY B 86 6.98 13.01 21.57
C GLY B 86 5.52 12.62 21.68
N ASP B 87 5.20 11.34 21.55
CA ASP B 87 3.83 10.85 21.71
C ASP B 87 3.51 10.47 23.15
N GLU B 88 4.47 10.63 24.06
CA GLU B 88 4.27 10.27 25.46
C GLU B 88 4.32 11.48 26.38
N VAL B 89 4.27 12.70 25.83
CA VAL B 89 4.32 13.89 26.65
C VAL B 89 2.97 14.14 27.31
N ARG B 90 1.89 13.61 26.73
CA ARG B 90 0.57 13.74 27.34
C ARG B 90 0.40 12.86 28.57
N GLN B 91 1.26 11.84 28.73
CA GLN B 91 1.19 10.97 29.90
C GLN B 91 1.81 11.59 31.15
N ILE B 92 2.58 12.67 31.02
CA ILE B 92 3.19 13.34 32.18
C ILE B 92 2.16 14.34 32.68
N ALA B 93 1.20 13.83 33.44
CA ALA B 93 0.03 14.55 33.93
C ALA B 93 -0.66 13.70 35.00
N PRO B 94 -1.35 14.31 35.97
CA PRO B 94 -2.12 13.49 36.92
C PRO B 94 -3.31 12.82 36.27
N GLY B 95 -3.64 11.63 36.76
CA GLY B 95 -4.75 10.85 36.22
C GLY B 95 -4.54 10.33 34.81
N GLN B 96 -3.35 9.80 34.50
CA GLN B 96 -3.04 9.27 33.20
C GLN B 96 -2.55 7.83 33.31
N THR B 97 -2.77 7.05 32.25
CA THR B 97 -2.38 5.65 32.20
C THR B 97 -1.50 5.39 30.99
N GLY B 98 -0.59 4.44 31.13
CA GLY B 98 0.29 4.07 30.04
C GLY B 98 1.49 3.32 30.57
N LYS B 99 2.38 2.99 29.63
CA LYS B 99 3.63 2.29 29.99
C LYS B 99 4.55 3.19 30.81
N ILE B 100 4.65 4.47 30.44
CA ILE B 100 5.51 5.40 31.16
C ILE B 100 4.92 5.73 32.52
N ALA B 101 3.59 5.88 32.59
CA ALA B 101 2.96 6.32 33.83
C ALA B 101 2.90 5.22 34.87
N ASP B 102 2.78 3.95 34.46
CA ASP B 102 2.63 2.85 35.40
C ASP B 102 3.95 2.30 35.92
N TYR B 103 5.00 2.28 35.09
CA TYR B 103 6.23 1.58 35.44
C TYR B 103 7.43 2.48 35.62
N ASN B 104 7.41 3.72 35.09
CA ASN B 104 8.61 4.55 35.03
C ASN B 104 8.50 5.81 35.88
N TYR B 105 7.49 6.65 35.65
CA TYR B 105 7.38 7.92 36.34
C TYR B 105 5.91 8.23 36.57
N LYS B 106 5.55 8.55 37.82
CA LYS B 106 4.17 8.72 38.23
C LYS B 106 4.00 10.05 38.95
N LEU B 107 2.96 10.81 38.58
CA LEU B 107 2.61 12.07 39.22
C LEU B 107 1.38 11.89 40.12
N PRO B 108 1.36 12.50 41.30
CA PRO B 108 0.21 12.33 42.20
C PRO B 108 -0.99 13.16 41.75
N ASP B 109 -2.13 12.89 42.39
CA ASP B 109 -3.36 13.59 42.06
C ASP B 109 -3.37 15.02 42.59
N ASP B 110 -2.61 15.30 43.64
CA ASP B 110 -2.47 16.65 44.19
C ASP B 110 -1.04 17.10 43.93
N PHE B 111 -0.81 17.66 42.75
CA PHE B 111 0.51 18.09 42.32
C PHE B 111 0.50 19.59 42.06
N THR B 112 1.48 20.29 42.62
CA THR B 112 1.65 21.73 42.42
C THR B 112 3.01 21.95 41.77
N GLY B 113 2.99 22.29 40.49
CA GLY B 113 4.24 22.49 39.77
C GLY B 113 3.96 22.79 38.31
N CYS B 114 4.99 22.61 37.48
CA CYS B 114 4.89 22.91 36.07
C CYS B 114 5.73 21.92 35.28
N VAL B 115 5.32 21.65 34.04
CA VAL B 115 6.00 20.71 33.15
C VAL B 115 6.46 21.48 31.92
N ILE B 116 7.77 21.43 31.65
CA ILE B 116 8.39 22.14 30.54
C ILE B 116 9.07 21.11 29.62
N ALA B 117 8.80 21.21 28.33
CA ALA B 117 9.42 20.30 27.36
C ALA B 117 9.69 21.05 26.06
N TRP B 118 10.69 20.57 25.33
CA TRP B 118 11.05 21.14 24.04
C TRP B 118 11.74 20.08 23.20
N ASN B 119 11.74 20.31 21.88
CA ASN B 119 12.35 19.37 20.94
C ASN B 119 13.88 19.46 21.02
N SER B 120 14.52 18.30 20.94
CA SER B 120 15.98 18.20 20.94
C SER B 120 16.45 17.24 19.86
N ASN B 121 15.89 17.40 18.65
CA ASN B 121 16.24 16.51 17.54
C ASN B 121 17.64 16.77 17.01
N ASN B 122 18.12 18.01 17.12
CA ASN B 122 19.43 18.37 16.60
C ASN B 122 20.58 18.00 17.54
N LEU B 123 20.28 17.51 18.75
CA LEU B 123 21.29 17.16 19.72
C LEU B 123 21.34 15.68 20.08
N ASP B 124 20.25 14.93 19.91
CA ASP B 124 20.15 13.56 20.40
C ASP B 124 19.93 12.55 19.28
N SER B 125 20.29 12.87 18.04
CA SER B 125 20.08 11.97 16.91
C SER B 125 21.37 11.85 16.12
N LYS B 126 21.62 10.63 15.62
CA LYS B 126 22.77 10.35 14.78
C LYS B 126 22.33 9.59 13.54
N VAL B 127 23.16 9.68 12.50
CA VAL B 127 22.94 8.90 11.28
C VAL B 127 23.39 7.47 11.57
N GLY B 128 22.44 6.54 11.59
CA GLY B 128 22.67 5.17 12.01
C GLY B 128 21.88 4.77 13.24
N GLY B 129 21.62 5.72 14.13
CA GLY B 129 20.81 5.47 15.30
C GLY B 129 21.53 5.69 16.62
N ASN B 130 20.81 6.17 17.62
CA ASN B 130 21.34 6.36 18.97
C ASN B 130 20.59 5.42 19.91
N TYR B 131 21.34 4.60 20.66
CA TYR B 131 20.72 3.58 21.50
C TYR B 131 21.19 3.66 22.95
N ASN B 132 21.21 4.87 23.53
CA ASN B 132 21.70 5.06 24.88
C ASN B 132 20.60 5.36 25.89
N TYR B 133 19.33 5.26 25.50
CA TYR B 133 18.21 5.53 26.39
C TYR B 133 17.32 4.30 26.49
N LEU B 134 16.88 3.99 27.70
CA LEU B 134 16.18 2.74 28.01
C LEU B 134 14.86 3.02 28.74
N PHE B 135 13.91 2.12 28.58
CA PHE B 135 12.67 2.15 29.35
C PHE B 135 12.24 0.72 29.65
N ARG B 136 11.40 0.58 30.68
CA ARG B 136 10.97 -0.73 31.17
C ARG B 136 9.64 -1.12 30.53
N LEU B 137 9.58 -2.34 30.01
CA LEU B 137 8.44 -2.82 29.23
C LEU B 137 7.52 -3.76 30.01
N PHE B 138 8.07 -4.65 30.83
CA PHE B 138 7.28 -5.62 31.57
C PHE B 138 7.51 -5.47 33.06
N ARG B 139 6.43 -5.53 33.83
CA ARG B 139 6.51 -5.49 35.29
C ARG B 139 5.29 -6.19 35.86
N LYS B 140 5.43 -6.70 37.08
CA LYS B 140 4.32 -7.43 37.72
C LYS B 140 3.23 -6.47 38.21
N SER B 141 3.62 -5.32 38.76
CA SER B 141 2.66 -4.41 39.38
C SER B 141 3.01 -2.98 38.99
N ASN B 142 2.28 -2.04 39.58
CA ASN B 142 2.54 -0.61 39.42
C ASN B 142 3.36 -0.10 40.60
N LEU B 143 3.62 1.20 40.60
CA LEU B 143 4.41 1.81 41.66
C LEU B 143 3.75 3.07 42.19
N LYS B 144 4.15 3.45 43.40
CA LYS B 144 3.68 4.65 44.05
C LYS B 144 4.31 5.88 43.37
N PRO B 145 3.71 7.07 43.56
CA PRO B 145 4.36 8.29 43.08
C PRO B 145 5.70 8.55 43.76
N PHE B 146 6.63 9.12 42.97
CA PHE B 146 8.01 9.43 43.39
C PHE B 146 8.75 8.18 43.89
N GLU B 147 8.66 7.11 43.11
CA GLU B 147 9.31 5.85 43.43
C GLU B 147 10.23 5.46 42.29
N ARG B 148 11.48 5.12 42.61
CA ARG B 148 12.48 4.74 41.62
C ARG B 148 12.89 3.30 41.86
N ASP B 149 12.90 2.49 40.81
CA ASP B 149 13.25 1.08 40.90
C ASP B 149 14.25 0.74 39.82
N ILE B 150 15.42 0.21 40.23
CA ILE B 150 16.44 -0.28 39.32
C ILE B 150 16.64 -1.77 39.57
N SER B 151 16.49 -2.57 38.52
CA SER B 151 16.56 -4.03 38.65
C SER B 151 16.93 -4.63 37.31
N THR B 152 17.53 -5.82 37.37
CA THR B 152 17.93 -6.56 36.18
C THR B 152 17.59 -8.04 36.32
N GLU B 153 16.39 -8.32 36.80
CA GLU B 153 15.95 -9.70 37.02
C GLU B 153 15.36 -10.26 35.72
N ILE B 154 14.74 -11.43 35.80
CA ILE B 154 14.10 -12.08 34.67
C ILE B 154 12.61 -12.16 34.93
N TYR B 155 11.82 -11.62 34.01
CA TYR B 155 10.37 -11.58 34.16
C TYR B 155 9.76 -12.90 33.72
N GLN B 156 9.13 -13.60 34.65
CA GLN B 156 8.50 -14.90 34.39
C GLN B 156 7.02 -14.67 34.10
N ALA B 157 6.60 -15.09 32.91
CA ALA B 157 5.20 -14.92 32.50
C ALA B 157 4.33 -16.07 32.98
N GLY B 158 4.67 -17.30 32.61
CA GLY B 158 3.88 -18.45 32.99
C GLY B 158 4.26 -19.05 34.33
N SER B 159 4.24 -20.38 34.42
CA SER B 159 4.57 -21.08 35.66
C SER B 159 5.88 -21.85 35.58
N THR B 160 6.39 -22.12 34.39
CA THR B 160 7.67 -22.79 34.25
C THR B 160 8.81 -21.82 34.57
N PRO B 161 9.72 -22.17 35.49
CA PRO B 161 10.83 -21.27 35.81
C PRO B 161 11.80 -21.11 34.64
N CYS B 162 12.41 -19.94 34.58
CA CYS B 162 13.36 -19.63 33.51
C CYS B 162 14.80 -19.94 33.88
N ASN B 163 15.15 -19.74 35.16
CA ASN B 163 16.50 -19.95 35.71
C ASN B 163 17.57 -19.16 34.94
N GLY B 164 17.26 -17.91 34.63
CA GLY B 164 18.22 -17.02 34.00
C GLY B 164 18.48 -17.28 32.53
N VAL B 165 17.49 -17.78 31.79
CA VAL B 165 17.62 -18.00 30.35
C VAL B 165 16.37 -17.47 29.67
N GLU B 166 16.50 -17.18 28.38
CA GLU B 166 15.41 -16.62 27.58
C GLU B 166 14.91 -17.69 26.62
N GLY B 167 13.82 -18.36 27.00
CA GLY B 167 13.23 -19.38 26.17
C GLY B 167 11.78 -19.07 25.82
N PHE B 168 10.87 -19.93 26.26
CA PHE B 168 9.44 -19.69 26.11
C PHE B 168 8.90 -19.11 27.41
N ASN B 169 8.11 -18.05 27.29
CA ASN B 169 7.56 -17.26 28.40
C ASN B 169 8.66 -16.73 29.32
N CYS B 170 9.78 -16.31 28.73
CA CYS B 170 10.89 -15.69 29.45
C CYS B 170 11.38 -14.50 28.64
N TYR B 171 11.44 -13.33 29.27
CA TYR B 171 11.76 -12.09 28.57
C TYR B 171 12.70 -11.23 29.41
N PHE B 172 13.54 -10.47 28.71
CA PHE B 172 14.41 -9.48 29.36
C PHE B 172 13.64 -8.17 29.54
N PRO B 173 13.56 -7.64 30.77
CA PRO B 173 12.60 -6.56 31.04
C PRO B 173 13.11 -5.15 30.76
N LEU B 174 13.79 -4.93 29.63
CA LEU B 174 14.25 -3.60 29.24
C LEU B 174 14.17 -3.46 27.73
N GLN B 175 14.13 -2.22 27.28
CA GLN B 175 13.94 -1.90 25.87
C GLN B 175 14.57 -0.56 25.59
N SER B 176 15.21 -0.43 24.43
CA SER B 176 15.96 0.76 24.07
C SER B 176 15.28 1.51 22.92
N TYR B 177 15.32 2.83 22.98
CA TYR B 177 14.87 3.67 21.87
C TYR B 177 15.88 3.64 20.73
N GLY B 178 15.40 3.98 19.54
CA GLY B 178 16.29 4.20 18.41
C GLY B 178 15.97 5.50 17.71
N PHE B 179 16.89 6.47 17.74
CA PHE B 179 16.62 7.83 17.31
C PHE B 179 17.43 8.14 16.05
N GLN B 180 16.73 8.54 14.99
CA GLN B 180 17.28 9.03 13.75
C GLN B 180 16.74 10.42 13.45
N PRO B 181 17.49 11.26 12.73
CA PRO B 181 17.00 12.60 12.41
C PRO B 181 15.92 12.66 11.32
N THR B 182 15.60 11.55 10.65
CA THR B 182 14.61 11.53 9.59
C THR B 182 13.27 10.95 10.04
N ASN B 183 13.06 10.75 11.33
CA ASN B 183 11.81 10.20 11.84
C ASN B 183 10.70 11.25 11.79
N GLY B 184 9.47 10.77 12.05
CA GLY B 184 8.34 11.66 12.17
C GLY B 184 8.34 12.41 13.49
N VAL B 185 7.36 13.32 13.62
CA VAL B 185 7.31 14.23 14.76
C VAL B 185 6.99 13.49 16.05
N GLY B 186 6.21 12.41 15.98
CA GLY B 186 5.89 11.63 17.17
C GLY B 186 7.00 10.73 17.67
N TYR B 187 8.03 10.50 16.86
CA TYR B 187 9.13 9.61 17.21
C TYR B 187 10.42 10.35 17.51
N GLN B 188 10.39 11.69 17.56
CA GLN B 188 11.57 12.52 17.78
C GLN B 188 11.86 12.68 19.27
N PRO B 189 13.13 12.88 19.66
CA PRO B 189 13.45 13.07 21.08
C PRO B 189 12.91 14.37 21.64
N TYR B 190 12.47 14.32 22.89
CA TYR B 190 11.98 15.49 23.61
C TYR B 190 12.65 15.53 24.99
N ARG B 191 13.10 16.72 25.37
CA ARG B 191 13.82 16.92 26.62
C ARG B 191 12.87 17.55 27.64
N VAL B 192 12.62 16.85 28.75
CA VAL B 192 11.56 17.19 29.69
C VAL B 192 12.19 17.57 31.02
N VAL B 193 11.77 18.72 31.56
CA VAL B 193 12.17 19.18 32.89
C VAL B 193 10.89 19.40 33.71
N VAL B 194 10.82 18.76 34.87
CA VAL B 194 9.66 18.88 35.76
C VAL B 194 10.10 19.57 37.04
N LEU B 195 9.40 20.63 37.41
CA LEU B 195 9.68 21.39 38.62
C LEU B 195 8.53 21.21 39.62
N SER B 196 8.87 20.87 40.85
CA SER B 196 7.88 20.63 41.90
C SER B 196 8.05 21.69 42.98
N PHE B 197 6.96 22.41 43.29
CA PHE B 197 6.96 23.43 44.33
C PHE B 197 6.31 22.84 45.57
N GLU B 198 7.11 22.10 46.33
CA GLU B 198 6.62 21.49 47.56
C GLU B 198 6.46 22.54 48.66
N LEU B 199 5.41 22.40 49.44
CA LEU B 199 5.11 23.33 50.55
C LEU B 199 5.30 22.61 51.87
N LEU B 200 6.10 23.20 52.76
CA LEU B 200 6.39 22.61 54.06
C LEU B 200 6.79 23.74 55.00
N HIS B 201 6.78 23.43 56.30
CA HIS B 201 7.16 24.41 57.30
C HIS B 201 8.68 24.60 57.30
N ALA B 202 9.12 25.79 56.91
CA ALA B 202 10.52 26.08 56.68
C ALA B 202 10.71 27.59 56.70
N PRO B 203 11.95 28.07 56.86
CA PRO B 203 12.21 29.50 56.61
C PRO B 203 11.92 29.95 55.19
N ALA B 204 12.02 29.03 54.21
CA ALA B 204 11.66 29.25 52.79
C ALA B 204 12.49 30.38 52.18
N THR B 205 13.79 30.12 52.08
CA THR B 205 14.73 31.09 51.55
C THR B 205 14.58 31.31 50.05
N VAL B 206 13.98 30.36 49.33
CA VAL B 206 13.83 30.47 47.88
C VAL B 206 12.56 31.27 47.57
N CYS B 207 12.72 32.58 47.35
CA CYS B 207 11.59 33.45 47.05
C CYS B 207 11.63 33.94 45.60
N GLY B 208 12.72 34.60 45.20
CA GLY B 208 12.86 35.11 43.86
C GLY B 208 11.89 36.22 43.51
N PRO B 209 12.05 37.41 44.12
CA PRO B 209 11.10 38.50 43.86
C PRO B 209 11.31 39.16 42.50
#